data_8FJT
#
_entry.id   8FJT
#
_cell.length_a   160.389
_cell.length_b   160.389
_cell.length_c   208.748
_cell.angle_alpha   90.00
_cell.angle_beta   90.00
_cell.angle_gamma   120.00
#
_symmetry.space_group_name_H-M   'P 65 2 2'
#
loop_
_entity.id
_entity.type
_entity.pdbx_description
1 polymer 'Serine hydroxymethyltransferase, mitochondrial'
2 non-polymer N-GLYCINE-[3-HYDROXY-2-METHYL-5-PHOSPHONOOXYMETHYL-PYRIDIN-4-YL-METHANE]
3 non-polymer 'N-{4-[4-(2-amino-4-oxo-3,4-dihydro-5H-pyrrolo[3,2-d]pyrimidin-5-yl)butyl]-3-fluorothiophene-2-carbonyl}-L-glutamic acid'
4 non-polymer GLYCINE
5 non-polymer "PYRIDOXAL-5'-PHOSPHATE"
6 water water
#
_entity_poly.entity_id   1
_entity_poly.type   'polypeptide(L)'
_entity_poly.pdbx_seq_one_letter_code
;MGSSHHHHHHSSGLVPRSNAAQTQTGEANRGWTGQESLSDSDPEMWELLQREKDRQCRGLELIASENFCSRAALEALGSC
LNNKYSEGYPGKRYYGGAEVVDEIELLCQRRALEAFDLDPAQWGVNVQPYSGSPANLAVYTALLQPHDRIMGLDLPDGGH
LTHGYMSDVKRISATSIFFESMPYKLNPKTGLIDYNQLALTARLFRPRLIIAGTSAYARLIDYARMREVCDEVKAHLLAD
MAHISGLVAAKVIPSPFKHADIVTTTTHKTLRGARSGLIFYRKGVKAVDPKTGREIPYTFEDRINFAVFPSLQGGPHNHA
IAAVAVALKQACTPMFREYSLQVLKNARAMADALLERGYSLVSGGTDNHLVLVDLRPKGLDGARAERVLELVSITANKNT
CPGDRSAITPGGLRLGAPALTSRQFREDDFRRVVDFIDEGVNIGLEVKSKTAKLQDFKSFLLKDSETSQRLANLRQRVEQ
FARAFPMPGFDEH
;
_entity_poly.pdbx_strand_id   A,B
#
# COMPACT_ATOMS: atom_id res chain seq x y z
N TRP A 32 -26.05 10.14 -11.04
CA TRP A 32 -24.85 9.90 -10.23
C TRP A 32 -23.79 10.97 -10.51
N THR A 33 -23.43 11.72 -9.48
CA THR A 33 -22.46 12.79 -9.62
C THR A 33 -21.06 12.41 -9.14
N GLY A 34 -20.94 11.40 -8.27
CA GLY A 34 -19.69 11.13 -7.62
C GLY A 34 -19.34 12.08 -6.51
N GLN A 35 -20.18 13.09 -6.28
CA GLN A 35 -20.00 14.05 -5.21
C GLN A 35 -21.01 13.86 -4.08
N GLU A 36 -21.78 12.79 -4.11
CA GLU A 36 -22.68 12.47 -3.01
C GLU A 36 -21.87 12.05 -1.78
N SER A 37 -22.38 12.42 -0.61
CA SER A 37 -21.70 12.09 0.63
C SER A 37 -21.80 10.60 0.93
N LEU A 38 -20.87 10.12 1.75
CA LEU A 38 -20.87 8.71 2.13
C LEU A 38 -22.08 8.38 3.02
N SER A 39 -22.53 9.33 3.84
CA SER A 39 -23.66 9.08 4.72
C SER A 39 -24.94 8.83 3.93
N ASP A 40 -25.06 9.43 2.74
CA ASP A 40 -26.22 9.21 1.88
C ASP A 40 -26.00 8.05 0.92
N SER A 41 -24.80 7.92 0.37
CA SER A 41 -24.55 6.89 -0.64
C SER A 41 -24.51 5.49 -0.01
N ASP A 42 -23.75 5.34 1.07
CA ASP A 42 -23.56 4.05 1.72
C ASP A 42 -23.78 4.21 3.21
N PRO A 43 -25.04 4.17 3.68
CA PRO A 43 -25.29 4.25 5.12
C PRO A 43 -24.74 3.06 5.89
N GLU A 44 -24.70 1.87 5.28
CA GLU A 44 -24.16 0.70 5.97
C GLU A 44 -22.68 0.88 6.27
N MET A 45 -21.91 1.37 5.30
CA MET A 45 -20.50 1.66 5.54
C MET A 45 -20.34 2.85 6.49
N TRP A 46 -21.22 3.85 6.36
CA TRP A 46 -21.14 5.02 7.25
C TRP A 46 -21.39 4.62 8.69
N GLU A 47 -22.33 3.70 8.93
CA GLU A 47 -22.55 3.21 10.28
C GLU A 47 -21.32 2.47 10.81
N LEU A 48 -20.63 1.74 9.94
CA LEU A 48 -19.44 1.02 10.36
C LEU A 48 -18.30 1.98 10.68
N LEU A 49 -18.16 3.06 9.91
CA LEU A 49 -17.15 4.06 10.21
C LEU A 49 -17.39 4.69 11.57
N GLN A 50 -18.66 4.95 11.91
CA GLN A 50 -18.97 5.58 13.19
C GLN A 50 -18.79 4.61 14.35
N ARG A 51 -19.05 3.32 14.15
CA ARG A 51 -18.82 2.35 15.21
C ARG A 51 -17.35 2.22 15.55
N GLU A 52 -16.49 2.20 14.52
CA GLU A 52 -15.05 2.17 14.78
C GLU A 52 -14.59 3.47 15.43
N LYS A 53 -15.16 4.61 15.02
CA LYS A 53 -14.81 5.88 15.64
C LYS A 53 -15.17 5.90 17.11
N ASP A 54 -16.34 5.35 17.47
CA ASP A 54 -16.72 5.27 18.87
C ASP A 54 -15.81 4.31 19.64
N ARG A 55 -15.36 3.24 18.99
CA ARG A 55 -14.48 2.30 19.67
C ARG A 55 -13.13 2.93 19.99
N GLN A 56 -12.57 3.69 19.04
CA GLN A 56 -11.31 4.38 19.31
C GLN A 56 -11.49 5.48 20.35
N CYS A 57 -12.65 6.13 20.38
CA CYS A 57 -12.89 7.18 21.36
C CYS A 57 -13.10 6.61 22.75
N ARG A 58 -13.82 5.50 22.86
CA ARG A 58 -14.19 4.94 24.16
C ARG A 58 -13.14 3.99 24.73
N GLY A 59 -12.16 3.57 23.94
CA GLY A 59 -11.19 2.59 24.39
C GLY A 59 -9.88 3.19 24.86
N LEU A 60 -9.13 2.38 25.60
CA LEU A 60 -7.79 2.74 26.05
C LEU A 60 -6.81 2.05 25.11
N GLU A 61 -6.43 2.76 24.05
CA GLU A 61 -5.60 2.19 23.00
C GLU A 61 -4.16 2.13 23.48
N LEU A 62 -3.66 0.91 23.72
CA LEU A 62 -2.31 0.71 24.24
C LEU A 62 -1.42 -0.07 23.28
N ILE A 63 -1.89 -0.35 22.06
CA ILE A 63 -1.04 -1.00 21.07
C ILE A 63 0.12 -0.07 20.74
N ALA A 64 1.34 -0.53 21.00
CA ALA A 64 2.51 0.32 20.86
C ALA A 64 2.74 0.79 19.44
N SER A 65 2.15 0.13 18.45
CA SER A 65 2.34 0.48 17.05
C SER A 65 1.23 1.34 16.49
N GLU A 66 0.24 1.71 17.31
CA GLU A 66 -0.90 2.48 16.84
C GLU A 66 -0.81 3.92 17.31
N ASN A 67 -1.47 4.80 16.55
CA ASN A 67 -1.55 6.21 16.86
C ASN A 67 -2.81 6.76 16.22
N PHE A 68 -3.15 8.00 16.57
CA PHE A 68 -4.35 8.66 16.06
C PHE A 68 -3.91 9.78 15.12
N CYS A 69 -4.17 9.59 13.83
CA CYS A 69 -3.72 10.53 12.81
C CYS A 69 -4.53 11.82 12.85
N SER A 70 -3.87 12.93 12.55
CA SER A 70 -4.52 14.23 12.61
C SER A 70 -5.48 14.40 11.44
N ARG A 71 -6.43 15.32 11.63
CA ARG A 71 -7.43 15.57 10.59
C ARG A 71 -6.80 16.15 9.33
N ALA A 72 -5.79 17.00 9.49
CA ALA A 72 -5.14 17.61 8.32
C ALA A 72 -4.56 16.55 7.39
N ALA A 73 -3.86 15.57 7.96
CA ALA A 73 -3.29 14.50 7.15
C ALA A 73 -4.40 13.62 6.56
N LEU A 74 -5.47 13.40 7.32
CA LEU A 74 -6.56 12.57 6.81
C LEU A 74 -7.30 13.26 5.67
N GLU A 75 -7.37 14.59 5.68
CA GLU A 75 -7.96 15.30 4.56
C GLU A 75 -7.18 15.04 3.27
N ALA A 76 -5.85 15.00 3.36
CA ALA A 76 -5.04 14.71 2.19
C ALA A 76 -5.13 13.24 1.80
N LEU A 77 -5.22 12.34 2.79
CA LEU A 77 -5.26 10.92 2.51
C LEU A 77 -6.48 10.56 1.67
N GLY A 78 -7.62 11.19 1.94
CA GLY A 78 -8.81 10.98 1.14
C GLY A 78 -9.11 12.16 0.24
N SER A 79 -8.18 12.48 -0.66
CA SER A 79 -8.29 13.63 -1.55
C SER A 79 -8.26 13.16 -3.00
N CYS A 80 -8.26 14.14 -3.92
CA CYS A 80 -8.26 13.85 -5.34
C CYS A 80 -6.92 13.35 -5.84
N LEU A 81 -5.88 13.35 -5.00
CA LEU A 81 -4.59 12.82 -5.41
C LEU A 81 -4.66 11.32 -5.69
N ASN A 82 -5.69 10.64 -5.18
CA ASN A 82 -5.93 9.25 -5.53
C ASN A 82 -6.14 9.07 -7.03
N ASN A 83 -6.53 10.13 -7.74
CA ASN A 83 -6.89 10.00 -9.15
C ASN A 83 -5.70 10.00 -10.09
N LYS A 84 -4.53 10.47 -9.65
CA LYS A 84 -3.41 10.72 -10.53
C LYS A 84 -2.43 9.55 -10.53
N TYR A 85 -2.16 8.99 -11.70
CA TYR A 85 -1.08 8.03 -11.90
C TYR A 85 0.20 8.81 -12.16
N SER A 86 1.19 8.64 -11.29
CA SER A 86 2.48 9.32 -11.44
C SER A 86 3.61 8.32 -11.36
N GLU A 87 3.48 7.21 -12.10
CA GLU A 87 4.52 6.19 -12.15
C GLU A 87 5.85 6.80 -12.56
N GLY A 88 6.86 6.62 -11.70
CA GLY A 88 8.17 7.19 -11.90
C GLY A 88 8.59 8.03 -10.71
N TYR A 89 9.21 9.18 -10.99
CA TYR A 89 9.74 10.05 -9.96
C TYR A 89 9.66 11.48 -10.46
N PRO A 90 9.71 12.46 -9.57
CA PRO A 90 9.68 13.87 -10.00
C PRO A 90 10.75 14.16 -11.05
N GLY A 91 10.33 14.71 -12.17
CA GLY A 91 11.22 14.91 -13.30
C GLY A 91 11.18 13.78 -14.30
N LYS A 92 11.38 12.55 -13.84
CA LYS A 92 11.39 11.35 -14.67
C LYS A 92 10.09 10.59 -14.45
N ARG A 93 9.04 11.03 -15.16
CA ARG A 93 7.72 10.42 -15.06
C ARG A 93 7.43 9.63 -16.34
N TYR A 94 6.73 8.50 -16.17
CA TYR A 94 6.37 7.68 -17.32
C TYR A 94 5.25 8.30 -18.15
N TYR A 95 4.44 9.18 -17.55
CA TYR A 95 3.44 9.92 -18.31
C TYR A 95 3.69 11.42 -18.23
N GLY A 96 2.59 12.19 -18.26
CA GLY A 96 2.64 13.63 -18.11
C GLY A 96 1.48 14.11 -17.25
N GLY A 97 1.41 15.42 -17.09
CA GLY A 97 0.41 16.01 -16.21
C GLY A 97 0.72 15.88 -14.74
N ALA A 98 1.88 15.34 -14.38
CA ALA A 98 2.23 15.13 -12.99
C ALA A 98 2.91 16.36 -12.41
N GLU A 99 2.58 17.54 -12.95
CA GLU A 99 3.27 18.76 -12.55
C GLU A 99 3.03 19.10 -11.09
N VAL A 100 1.81 18.83 -10.60
CA VAL A 100 1.49 19.18 -9.21
C VAL A 100 2.00 18.12 -8.26
N VAL A 101 1.78 16.84 -8.58
CA VAL A 101 2.24 15.77 -7.71
C VAL A 101 3.76 15.67 -7.69
N ASP A 102 4.44 16.27 -8.67
CA ASP A 102 5.89 16.40 -8.59
C ASP A 102 6.28 17.35 -7.46
N GLU A 103 5.55 18.45 -7.32
CA GLU A 103 5.84 19.39 -6.23
C GLU A 103 5.50 18.77 -4.88
N ILE A 104 4.43 17.97 -4.82
CA ILE A 104 4.05 17.34 -3.57
C ILE A 104 5.09 16.31 -3.14
N GLU A 105 5.50 15.45 -4.08
CA GLU A 105 6.51 14.43 -3.75
C GLU A 105 7.84 15.07 -3.39
N LEU A 106 8.24 16.12 -4.11
CA LEU A 106 9.47 16.82 -3.76
C LEU A 106 9.37 17.50 -2.41
N LEU A 107 8.18 18.00 -2.05
CA LEU A 107 8.00 18.62 -0.75
C LEU A 107 8.03 17.59 0.37
N CYS A 108 7.42 16.41 0.13
CA CYS A 108 7.45 15.35 1.13
C CYS A 108 8.88 14.90 1.42
N GLN A 109 9.75 14.95 0.41
CA GLN A 109 11.14 14.56 0.63
C GLN A 109 11.87 15.60 1.47
N ARG A 110 11.69 16.89 1.15
CA ARG A 110 12.35 17.94 1.91
C ARG A 110 11.92 17.91 3.38
N ARG A 111 10.61 17.76 3.61
CA ARG A 111 10.12 17.68 4.99
C ARG A 111 10.62 16.42 5.68
N ALA A 112 10.76 15.31 4.94
CA ALA A 112 11.30 14.10 5.53
C ALA A 112 12.73 14.30 6.00
N LEU A 113 13.54 15.00 5.20
CA LEU A 113 14.93 15.25 5.59
C LEU A 113 14.99 16.26 6.73
N GLU A 114 14.12 17.26 6.71
CA GLU A 114 14.13 18.26 7.79
C GLU A 114 13.62 17.67 9.10
N ALA A 115 12.63 16.78 9.02
CA ALA A 115 12.11 16.16 10.24
C ALA A 115 13.18 15.40 10.99
N PHE A 116 14.13 14.79 10.28
CA PHE A 116 15.21 14.03 10.88
C PHE A 116 16.55 14.75 10.79
N ASP A 117 16.52 16.05 10.49
CA ASP A 117 17.71 16.90 10.51
C ASP A 117 18.82 16.33 9.63
N LEU A 118 18.49 16.06 8.38
CA LEU A 118 19.38 15.39 7.45
C LEU A 118 19.88 16.36 6.39
N ASP A 119 21.17 16.28 6.10
CA ASP A 119 21.76 17.09 5.05
C ASP A 119 21.37 16.50 3.69
N PRO A 120 20.69 17.27 2.82
CA PRO A 120 20.35 16.73 1.50
C PRO A 120 21.55 16.31 0.67
N ALA A 121 22.73 16.85 0.94
CA ALA A 121 23.94 16.39 0.27
C ALA A 121 24.45 15.08 0.82
N GLN A 122 24.02 14.70 2.03
CA GLN A 122 24.45 13.46 2.66
C GLN A 122 23.38 12.41 2.76
N TRP A 123 22.11 12.78 2.59
CA TRP A 123 21.00 11.85 2.74
C TRP A 123 19.95 12.11 1.68
N GLY A 124 19.46 11.02 1.07
CA GLY A 124 18.28 11.05 0.24
C GLY A 124 17.16 10.24 0.89
N VAL A 125 15.98 10.31 0.27
CA VAL A 125 14.82 9.64 0.83
C VAL A 125 13.84 9.30 -0.29
N ASN A 126 13.29 8.09 -0.25
CA ASN A 126 12.23 7.65 -1.14
C ASN A 126 10.93 7.61 -0.33
N VAL A 127 9.89 8.27 -0.86
CA VAL A 127 8.66 8.49 -0.13
C VAL A 127 7.50 7.68 -0.71
N GLN A 128 7.77 6.76 -1.64
CA GLN A 128 6.73 6.00 -2.30
C GLN A 128 6.39 4.61 -1.71
N PRO A 129 7.16 4.03 -0.78
CA PRO A 129 6.75 2.74 -0.23
C PRO A 129 5.34 2.77 0.34
N TYR A 130 4.54 1.77 -0.05
CA TYR A 130 3.13 1.73 0.35
C TYR A 130 2.99 1.57 1.86
N SER A 131 3.94 0.90 2.50
CA SER A 131 3.90 0.68 3.95
C SER A 131 5.30 0.33 4.42
N GLY A 132 5.40 -0.09 5.68
CA GLY A 132 6.69 -0.42 6.24
C GLY A 132 7.29 -1.68 5.64
N SER A 133 6.49 -2.75 5.56
CA SER A 133 6.96 -3.98 4.94
C SER A 133 7.41 -3.80 3.50
N PRO A 134 6.68 -3.10 2.62
CA PRO A 134 7.23 -2.86 1.28
C PRO A 134 8.52 -2.07 1.28
N ALA A 135 8.72 -1.19 2.28
CA ALA A 135 9.95 -0.42 2.34
C ALA A 135 11.15 -1.32 2.59
N ASN A 136 11.02 -2.26 3.55
CA ASN A 136 12.12 -3.17 3.85
C ASN A 136 12.41 -4.11 2.69
N LEU A 137 11.35 -4.65 2.06
CA LEU A 137 11.56 -5.53 0.92
C LEU A 137 12.24 -4.80 -0.24
N ALA A 138 11.96 -3.50 -0.40
CA ALA A 138 12.60 -2.74 -1.46
C ALA A 138 14.09 -2.56 -1.17
N VAL A 139 14.46 -2.40 0.11
CA VAL A 139 15.88 -2.25 0.45
C VAL A 139 16.62 -3.55 0.18
N TYR A 140 16.04 -4.69 0.54
CA TYR A 140 16.69 -5.96 0.28
C TYR A 140 16.81 -6.22 -1.22
N THR A 141 15.76 -5.93 -1.97
CA THR A 141 15.81 -6.11 -3.42
C THR A 141 16.82 -5.16 -4.06
N ALA A 142 16.94 -3.95 -3.51
CA ALA A 142 17.85 -2.96 -4.09
C ALA A 142 19.31 -3.34 -3.86
N LEU A 143 19.63 -3.84 -2.66
CA LEU A 143 21.02 -4.02 -2.26
C LEU A 143 21.50 -5.47 -2.35
N LEU A 144 20.61 -6.45 -2.27
CA LEU A 144 21.01 -7.85 -2.21
C LEU A 144 20.55 -8.60 -3.44
N GLN A 145 21.32 -9.62 -3.81
CA GLN A 145 20.87 -10.59 -4.78
C GLN A 145 19.96 -11.61 -4.10
N PRO A 146 19.09 -12.27 -4.86
CA PRO A 146 18.28 -13.34 -4.27
C PRO A 146 19.14 -14.34 -3.52
N HIS A 147 18.67 -14.71 -2.33
CA HIS A 147 19.31 -15.66 -1.41
C HIS A 147 20.53 -15.08 -0.70
N ASP A 148 20.80 -13.79 -0.83
CA ASP A 148 21.83 -13.17 -0.02
C ASP A 148 21.41 -13.17 1.45
N ARG A 149 22.38 -12.94 2.33
CA ARG A 149 22.20 -13.24 3.74
C ARG A 149 21.81 -12.01 4.54
N ILE A 150 20.93 -12.22 5.53
CA ILE A 150 20.27 -11.17 6.29
C ILE A 150 20.31 -11.57 7.77
N MET A 151 20.54 -10.60 8.64
CA MET A 151 20.49 -10.82 10.08
C MET A 151 19.66 -9.73 10.74
N GLY A 152 18.57 -10.14 11.40
CA GLY A 152 17.79 -9.23 12.20
C GLY A 152 17.46 -9.88 13.55
N LEU A 153 16.89 -9.07 14.44
CA LEU A 153 16.46 -9.60 15.72
C LEU A 153 15.34 -10.60 15.53
N ASP A 154 15.44 -11.74 16.19
CA ASP A 154 14.41 -12.77 16.06
C ASP A 154 13.06 -12.22 16.52
N LEU A 155 12.00 -12.69 15.86
CA LEU A 155 10.66 -12.18 16.14
C LEU A 155 10.24 -12.37 17.59
N PRO A 156 10.30 -13.57 18.18
CA PRO A 156 9.95 -13.68 19.61
C PRO A 156 10.87 -12.90 20.53
N ASP A 157 12.05 -12.51 20.07
CA ASP A 157 12.96 -11.68 20.84
C ASP A 157 12.73 -10.19 20.67
N GLY A 158 11.80 -9.80 19.80
CA GLY A 158 11.46 -8.40 19.61
C GLY A 158 11.65 -7.87 18.20
N GLY A 159 12.15 -8.65 17.26
CA GLY A 159 12.30 -8.21 15.89
C GLY A 159 11.00 -8.28 15.11
N HIS A 160 11.05 -7.80 13.88
CA HIS A 160 9.88 -7.73 13.03
C HIS A 160 9.89 -8.87 12.00
N LEU A 161 8.70 -9.14 11.46
CA LEU A 161 8.55 -10.13 10.39
C LEU A 161 9.52 -9.85 9.25
N THR A 162 9.54 -8.61 8.78
CA THR A 162 10.35 -8.23 7.62
C THR A 162 11.84 -8.22 7.90
N HIS A 163 12.25 -8.57 9.13
CA HIS A 163 13.67 -8.70 9.44
C HIS A 163 14.19 -10.11 9.18
N GLY A 164 13.39 -10.97 8.57
CA GLY A 164 13.87 -12.27 8.13
C GLY A 164 13.33 -13.45 8.92
N TYR A 165 12.14 -13.32 9.49
CA TYR A 165 11.65 -14.35 10.40
C TYR A 165 11.24 -15.61 9.64
N MET A 166 11.71 -16.75 10.12
CA MET A 166 11.20 -18.05 9.72
C MET A 166 11.29 -18.97 10.94
N SER A 167 10.33 -19.89 11.03
CA SER A 167 10.24 -20.76 12.19
C SER A 167 11.02 -22.05 11.96
N ASP A 168 10.96 -22.96 12.93
CA ASP A 168 11.59 -24.25 12.81
C ASP A 168 10.93 -25.15 11.77
N VAL A 169 9.76 -24.76 11.26
CA VAL A 169 9.01 -25.61 10.33
C VAL A 169 8.64 -24.91 9.03
N LYS A 170 8.66 -23.58 8.94
CA LYS A 170 8.10 -22.89 7.80
C LYS A 170 8.80 -21.56 7.59
N ARG A 171 9.00 -21.20 6.32
CA ARG A 171 9.40 -19.84 5.98
C ARG A 171 8.16 -18.96 6.02
N ILE A 172 8.19 -17.93 6.87
CA ILE A 172 6.98 -17.18 7.17
C ILE A 172 6.98 -15.85 6.43
N SER A 173 8.00 -15.03 6.65
CA SER A 173 8.10 -13.77 5.94
C SER A 173 8.77 -13.98 4.59
N ALA A 174 8.34 -13.21 3.59
CA ALA A 174 9.00 -13.23 2.29
C ALA A 174 10.46 -12.83 2.40
N THR A 175 10.84 -12.15 3.50
CA THR A 175 12.24 -11.90 3.78
C THR A 175 13.02 -13.19 3.92
N SER A 176 12.36 -14.27 4.34
CA SER A 176 13.00 -15.56 4.53
C SER A 176 12.96 -16.43 3.29
N ILE A 177 12.17 -16.07 2.29
CA ILE A 177 12.03 -16.86 1.06
C ILE A 177 12.95 -16.35 -0.04
N PHE A 178 12.89 -15.06 -0.35
CA PHE A 178 13.75 -14.47 -1.37
C PHE A 178 15.16 -14.20 -0.87
N PHE A 179 15.38 -14.26 0.45
CA PHE A 179 16.71 -14.04 1.01
C PHE A 179 16.91 -15.03 2.15
N GLU A 180 18.17 -15.21 2.52
CA GLU A 180 18.55 -16.15 3.58
C GLU A 180 18.81 -15.37 4.86
N SER A 181 18.01 -15.62 5.88
CA SER A 181 18.12 -14.89 7.13
C SER A 181 18.53 -15.82 8.27
N MET A 182 19.33 -15.26 9.18
CA MET A 182 19.64 -15.90 10.45
C MET A 182 19.47 -14.84 11.53
N PRO A 183 18.69 -15.11 12.57
CA PRO A 183 18.42 -14.08 13.58
C PRO A 183 19.53 -14.01 14.62
N TYR A 184 19.61 -12.84 15.25
CA TYR A 184 20.35 -12.71 16.50
C TYR A 184 19.36 -12.55 17.65
N LYS A 185 19.81 -12.88 18.84
CA LYS A 185 18.93 -13.08 19.98
C LYS A 185 19.26 -12.09 21.10
N LEU A 186 18.36 -12.04 22.08
CA LEU A 186 18.58 -11.26 23.28
C LEU A 186 19.42 -12.04 24.28
N ASN A 187 19.94 -11.33 25.27
CA ASN A 187 20.53 -11.96 26.44
C ASN A 187 19.41 -12.21 27.44
N PRO A 188 19.01 -13.47 27.69
CA PRO A 188 17.88 -13.71 28.59
C PRO A 188 18.10 -13.22 30.01
N LYS A 189 19.36 -13.01 30.42
CA LYS A 189 19.62 -12.48 31.76
C LYS A 189 19.24 -11.01 31.86
N THR A 190 19.61 -10.22 30.86
CA THR A 190 19.41 -8.77 30.90
C THR A 190 18.23 -8.30 30.06
N GLY A 191 17.68 -9.15 29.19
CA GLY A 191 16.63 -8.70 28.31
C GLY A 191 17.09 -7.78 27.20
N LEU A 192 18.39 -7.61 27.02
CA LEU A 192 18.96 -6.72 26.04
C LEU A 192 19.53 -7.49 24.86
N ILE A 193 19.74 -6.79 23.75
CA ILE A 193 20.32 -7.41 22.56
C ILE A 193 21.73 -7.89 22.89
N ASP A 194 22.01 -9.15 22.61
CA ASP A 194 23.33 -9.73 22.86
C ASP A 194 24.25 -9.34 21.70
N TYR A 195 24.85 -8.14 21.84
CA TYR A 195 25.76 -7.66 20.81
C TYR A 195 27.01 -8.53 20.71
N ASN A 196 27.38 -9.22 21.79
CA ASN A 196 28.52 -10.12 21.74
C ASN A 196 28.24 -11.33 20.85
N GLN A 197 27.11 -12.00 21.09
CA GLN A 197 26.77 -13.16 20.28
C GLN A 197 26.46 -12.77 18.83
N LEU A 198 25.94 -11.55 18.62
CA LEU A 198 25.75 -11.07 17.26
C LEU A 198 27.08 -11.00 16.52
N ALA A 199 28.07 -10.35 17.12
CA ALA A 199 29.39 -10.26 16.50
C ALA A 199 30.00 -11.64 16.29
N LEU A 200 29.73 -12.58 17.20
CA LEU A 200 30.26 -13.93 17.04
C LEU A 200 29.62 -14.64 15.86
N THR A 201 28.29 -14.61 15.77
CA THR A 201 27.59 -15.31 14.71
C THR A 201 27.69 -14.59 13.37
N ALA A 202 27.79 -13.26 13.38
CA ALA A 202 27.90 -12.52 12.13
C ALA A 202 29.17 -12.89 11.38
N ARG A 203 30.26 -13.16 12.10
CA ARG A 203 31.50 -13.57 11.45
C ARG A 203 31.37 -14.97 10.85
N LEU A 204 30.58 -15.85 11.47
CA LEU A 204 30.35 -17.17 10.90
C LEU A 204 29.34 -17.11 9.76
N PHE A 205 28.23 -16.41 9.96
CA PHE A 205 27.16 -16.34 8.96
C PHE A 205 27.53 -15.45 7.79
N ARG A 206 28.33 -14.40 8.03
CA ARG A 206 28.74 -13.44 7.02
C ARG A 206 27.54 -12.83 6.32
N PRO A 207 26.71 -12.05 7.02
CA PRO A 207 25.56 -11.44 6.37
C PRO A 207 25.98 -10.25 5.50
N ARG A 208 25.22 -10.03 4.43
CA ARG A 208 25.43 -8.85 3.61
C ARG A 208 24.69 -7.64 4.14
N LEU A 209 23.74 -7.84 5.05
CA LEU A 209 22.97 -6.74 5.63
C LEU A 209 22.48 -7.17 7.01
N ILE A 210 22.62 -6.27 7.98
CA ILE A 210 22.12 -6.47 9.33
C ILE A 210 21.12 -5.37 9.64
N ILE A 211 20.01 -5.75 10.28
CA ILE A 211 18.91 -4.85 10.56
C ILE A 211 18.96 -4.45 12.03
N ALA A 212 19.07 -3.15 12.29
CA ALA A 212 19.01 -2.59 13.64
C ALA A 212 17.66 -1.92 13.79
N GLY A 213 16.67 -2.68 14.25
CA GLY A 213 15.33 -2.19 14.43
C GLY A 213 14.45 -3.21 15.13
N THR A 214 13.47 -2.75 15.90
CA THR A 214 12.68 -3.64 16.73
C THR A 214 11.21 -3.29 16.66
N SER A 215 10.37 -4.27 17.02
CA SER A 215 8.95 -4.10 17.18
C SER A 215 8.47 -4.24 18.61
N ALA A 216 9.28 -4.87 19.49
CA ALA A 216 8.92 -5.08 20.89
C ALA A 216 10.22 -5.08 21.70
N TYR A 217 10.73 -3.88 21.95
CA TYR A 217 12.00 -3.68 22.65
C TYR A 217 11.94 -2.33 23.34
N ALA A 218 12.10 -2.33 24.67
CA ALA A 218 11.92 -1.12 25.47
C ALA A 218 13.20 -0.32 25.66
N ARG A 219 14.30 -0.72 25.04
CA ARG A 219 15.59 -0.10 25.27
C ARG A 219 16.15 0.48 23.99
N LEU A 220 17.15 1.34 24.14
CA LEU A 220 17.78 1.99 22.99
C LEU A 220 18.80 1.05 22.35
N ILE A 221 18.80 1.04 21.02
CA ILE A 221 19.68 0.15 20.27
C ILE A 221 21.05 0.79 20.14
N ASP A 222 22.09 0.00 20.46
CA ASP A 222 23.48 0.46 20.36
C ASP A 222 23.90 0.46 18.90
N TYR A 223 23.48 1.52 18.19
CA TYR A 223 23.77 1.61 16.76
C TYR A 223 25.27 1.69 16.49
N ALA A 224 26.03 2.28 17.41
CA ALA A 224 27.48 2.33 17.23
C ALA A 224 28.07 0.92 17.27
N ARG A 225 27.61 0.08 18.20
CA ARG A 225 28.08 -1.30 18.24
C ARG A 225 27.58 -2.08 17.03
N MET A 226 26.35 -1.81 16.59
CA MET A 226 25.86 -2.42 15.36
C MET A 226 26.73 -2.04 14.18
N ARG A 227 27.19 -0.79 14.15
CA ARG A 227 28.03 -0.32 13.05
C ARG A 227 29.39 -1.03 13.06
N GLU A 228 29.95 -1.25 14.25
CA GLU A 228 31.23 -1.95 14.33
C GLU A 228 31.12 -3.36 13.80
N VAL A 229 30.02 -4.05 14.11
CA VAL A 229 29.83 -5.41 13.60
C VAL A 229 29.66 -5.40 12.09
N CYS A 230 28.89 -4.43 11.57
CA CYS A 230 28.69 -4.35 10.12
C CYS A 230 29.98 -3.96 9.40
N ASP A 231 30.78 -3.07 10.01
CA ASP A 231 32.05 -2.70 9.40
C ASP A 231 33.02 -3.87 9.36
N GLU A 232 32.97 -4.76 10.34
CA GLU A 232 33.91 -5.87 10.39
C GLU A 232 33.57 -6.92 9.33
N VAL A 233 32.33 -7.42 9.33
CA VAL A 233 31.92 -8.42 8.36
C VAL A 233 31.55 -7.82 7.01
N LYS A 234 31.72 -6.50 6.82
CA LYS A 234 31.45 -5.82 5.56
C LYS A 234 29.99 -6.04 5.12
N ALA A 235 29.09 -5.50 5.94
CA ALA A 235 27.66 -5.61 5.72
C ALA A 235 27.00 -4.24 5.82
N HIS A 236 25.90 -4.08 5.10
CA HIS A 236 25.09 -2.87 5.22
C HIS A 236 24.38 -2.86 6.56
N LEU A 237 24.38 -1.70 7.22
CA LEU A 237 23.61 -1.51 8.45
C LEU A 237 22.31 -0.82 8.08
N LEU A 238 21.21 -1.56 8.15
CA LEU A 238 19.87 -1.01 7.97
C LEU A 238 19.27 -0.73 9.33
N ALA A 239 18.77 0.49 9.51
CA ALA A 239 18.07 0.88 10.73
C ALA A 239 16.58 0.96 10.41
N ASP A 240 15.81 0.05 10.99
CA ASP A 240 14.35 0.06 10.85
C ASP A 240 13.79 0.73 12.11
N MET A 241 13.66 2.06 12.05
CA MET A 241 13.24 2.86 13.19
C MET A 241 11.73 3.08 13.23
N ALA A 242 10.95 2.13 12.74
CA ALA A 242 9.52 2.35 12.57
C ALA A 242 8.84 2.73 13.89
N HIS A 243 9.15 2.01 14.96
CA HIS A 243 8.48 2.26 16.23
C HIS A 243 8.94 3.55 16.89
N ILE A 244 10.15 4.01 16.58
CA ILE A 244 10.75 5.12 17.29
C ILE A 244 10.99 6.33 16.39
N SER A 245 10.46 6.32 15.16
CA SER A 245 10.74 7.39 14.22
C SER A 245 10.34 8.75 14.75
N GLY A 246 9.18 8.83 15.41
CA GLY A 246 8.77 10.08 16.03
C GLY A 246 9.73 10.53 17.10
N LEU A 247 10.17 9.62 17.96
CA LEU A 247 11.14 9.96 18.98
C LEU A 247 12.46 10.42 18.36
N VAL A 248 12.86 9.82 17.24
CA VAL A 248 14.09 10.20 16.58
C VAL A 248 13.96 11.60 15.99
N ALA A 249 12.82 11.90 15.38
CA ALA A 249 12.62 13.20 14.74
C ALA A 249 12.61 14.32 15.79
N ALA A 250 12.03 14.08 16.96
CA ALA A 250 11.99 15.08 18.02
C ALA A 250 13.29 15.16 18.80
N LYS A 251 14.28 14.32 18.46
CA LYS A 251 15.59 14.34 19.11
C LYS A 251 15.49 14.10 20.61
N VAL A 252 14.56 13.22 21.00
CA VAL A 252 14.45 12.80 22.40
C VAL A 252 15.19 11.50 22.67
N ILE A 253 15.60 10.78 21.63
CA ILE A 253 16.47 9.62 21.76
C ILE A 253 17.54 9.70 20.67
N PRO A 254 18.67 9.02 20.86
CA PRO A 254 19.73 9.06 19.85
C PRO A 254 19.24 8.63 18.47
N SER A 255 19.84 9.20 17.45
CA SER A 255 19.41 9.00 16.07
C SER A 255 20.18 7.87 15.42
N PRO A 256 19.50 6.89 14.81
CA PRO A 256 20.21 5.86 14.04
C PRO A 256 20.86 6.39 12.78
N PHE A 257 20.45 7.57 12.31
CA PHE A 257 21.09 8.16 11.12
C PHE A 257 22.56 8.47 11.35
N LYS A 258 23.01 8.51 12.61
CA LYS A 258 24.40 8.77 12.90
C LYS A 258 25.30 7.59 12.52
N HIS A 259 24.74 6.38 12.49
CA HIS A 259 25.53 5.19 12.26
C HIS A 259 25.02 4.28 11.14
N ALA A 260 23.81 4.46 10.66
CA ALA A 260 23.23 3.53 9.70
C ALA A 260 23.47 3.97 8.27
N ASP A 261 23.55 2.99 7.37
CA ASP A 261 23.64 3.27 5.95
C ASP A 261 22.27 3.53 5.35
N ILE A 262 21.28 2.69 5.70
CA ILE A 262 19.92 2.81 5.22
C ILE A 262 19.00 2.88 6.44
N VAL A 263 18.03 3.79 6.40
CA VAL A 263 17.03 3.92 7.45
C VAL A 263 15.66 3.79 6.82
N THR A 264 14.89 2.82 7.27
CA THR A 264 13.50 2.65 6.88
C THR A 264 12.59 2.89 8.07
N THR A 265 11.36 3.30 7.79
CA THR A 265 10.39 3.55 8.84
C THR A 265 9.00 3.55 8.24
N THR A 266 8.02 3.25 9.09
CA THR A 266 6.65 3.56 8.77
C THR A 266 6.40 5.04 9.00
N THR A 267 5.32 5.55 8.41
CA THR A 267 4.93 6.94 8.61
C THR A 267 3.83 7.10 9.64
N HIS A 268 3.17 6.01 10.03
CA HIS A 268 2.26 6.04 11.18
C HIS A 268 3.07 5.84 12.45
N LYS A 269 2.46 5.27 13.48
CA LYS A 269 3.10 5.01 14.78
C LYS A 269 3.53 6.36 15.36
N THR A 270 4.74 6.46 15.92
CA THR A 270 5.15 7.67 16.61
C THR A 270 5.26 8.89 15.69
N LEU A 271 5.34 8.67 14.37
CA LEU A 271 5.29 9.80 13.44
C LEU A 271 3.87 10.34 13.28
N ARG A 272 2.85 9.55 13.60
CA ARG A 272 1.47 10.01 13.72
C ARG A 272 0.90 10.48 12.37
N GLY A 273 1.29 9.79 11.30
CA GLY A 273 0.79 10.07 9.98
C GLY A 273 -0.05 8.95 9.42
N ALA A 274 -0.39 9.09 8.13
CA ALA A 274 -1.09 8.04 7.43
C ALA A 274 -0.15 6.85 7.22
N ARG A 275 -0.74 5.73 6.84
CA ARG A 275 0.00 4.48 6.68
C ARG A 275 0.78 4.53 5.37
N SER A 276 2.09 4.60 5.47
CA SER A 276 3.00 4.62 4.33
C SER A 276 4.39 4.28 4.84
N GLY A 277 5.37 4.31 3.92
CA GLY A 277 6.73 3.97 4.26
C GLY A 277 7.71 5.00 3.73
N LEU A 278 8.95 4.89 4.24
CA LEU A 278 10.03 5.78 3.84
C LEU A 278 11.33 5.00 3.82
N ILE A 279 12.21 5.34 2.88
CA ILE A 279 13.54 4.75 2.78
C ILE A 279 14.54 5.88 2.73
N PHE A 280 15.26 6.10 3.82
CA PHE A 280 16.38 7.03 3.84
C PHE A 280 17.65 6.29 3.48
N TYR A 281 18.57 6.99 2.82
CA TYR A 281 19.80 6.37 2.36
C TYR A 281 20.91 7.41 2.25
N ARG A 282 22.13 6.96 2.47
CA ARG A 282 23.30 7.82 2.31
C ARG A 282 23.53 8.15 0.84
N LYS A 283 24.09 9.33 0.61
CA LYS A 283 24.44 9.76 -0.74
C LYS A 283 25.67 10.63 -0.67
N GLY A 284 26.31 10.81 -1.81
CA GLY A 284 27.52 11.61 -1.91
C GLY A 284 28.77 10.74 -1.95
N VAL A 285 29.71 11.03 -1.04
CA VAL A 285 30.99 10.34 -0.97
C VAL A 285 31.05 9.58 0.35
N LYS A 286 31.40 8.30 0.28
CA LYS A 286 31.49 7.46 1.47
C LYS A 286 32.82 7.63 2.17
N THR A 292 44.81 6.39 -2.68
CA THR A 292 45.42 7.24 -3.68
C THR A 292 44.44 8.24 -4.27
N GLY A 293 43.82 9.04 -3.40
CA GLY A 293 42.85 10.02 -3.84
C GLY A 293 41.54 9.46 -4.33
N ARG A 294 41.31 8.16 -4.18
CA ARG A 294 40.10 7.51 -4.67
C ARG A 294 39.04 7.55 -3.58
N GLU A 295 38.16 8.55 -3.63
CA GLU A 295 37.05 8.65 -2.69
C GLU A 295 35.89 7.79 -3.19
N ILE A 296 35.54 6.76 -2.43
CA ILE A 296 34.50 5.82 -2.87
C ILE A 296 33.14 6.49 -2.71
N PRO A 297 32.27 6.43 -3.73
CA PRO A 297 30.97 7.09 -3.64
C PRO A 297 29.88 6.16 -3.15
N TYR A 298 28.85 6.77 -2.57
CA TYR A 298 27.66 6.03 -2.18
C TYR A 298 26.84 5.68 -3.41
N THR A 299 26.38 4.43 -3.47
CA THR A 299 25.62 3.92 -4.60
C THR A 299 24.26 3.36 -4.15
N PHE A 300 23.61 4.06 -3.23
CA PHE A 300 22.31 3.63 -2.72
C PHE A 300 21.16 4.21 -3.53
N GLU A 301 21.27 5.47 -3.94
CA GLU A 301 20.15 6.23 -4.50
C GLU A 301 19.50 5.48 -5.67
N ASP A 302 20.27 5.22 -6.72
CA ASP A 302 19.70 4.63 -7.93
C ASP A 302 19.19 3.21 -7.68
N ARG A 303 19.89 2.45 -6.85
CA ARG A 303 19.43 1.09 -6.56
C ARG A 303 18.15 1.09 -5.74
N ILE A 304 18.08 1.96 -4.73
CA ILE A 304 16.88 2.04 -3.90
C ILE A 304 15.68 2.47 -4.74
N ASN A 305 15.84 3.56 -5.50
CA ASN A 305 14.73 4.10 -6.27
C ASN A 305 14.26 3.11 -7.34
N PHE A 306 15.17 2.34 -7.93
CA PHE A 306 14.77 1.37 -8.94
C PHE A 306 13.98 0.22 -8.32
N ALA A 307 14.35 -0.20 -7.12
CA ALA A 307 13.65 -1.30 -6.47
C ALA A 307 12.21 -0.94 -6.16
N VAL A 308 11.97 0.30 -5.74
CA VAL A 308 10.59 0.74 -5.46
C VAL A 308 9.78 0.77 -6.75
N PHE A 309 10.31 1.41 -7.79
CA PHE A 309 9.69 1.46 -9.09
C PHE A 309 10.83 1.47 -10.10
N PRO A 310 10.77 0.65 -11.16
CA PRO A 310 9.65 -0.19 -11.60
C PRO A 310 9.63 -1.62 -11.06
N SER A 311 10.53 -1.96 -10.14
CA SER A 311 10.70 -3.35 -9.75
C SER A 311 9.48 -3.88 -8.98
N LEU A 312 9.16 -3.25 -7.85
CA LEU A 312 8.20 -3.81 -6.90
C LEU A 312 6.83 -3.16 -6.94
N GLN A 313 6.75 -1.84 -7.04
CA GLN A 313 5.49 -1.13 -6.95
C GLN A 313 5.10 -0.51 -8.29
N GLY A 314 3.83 -0.18 -8.41
CA GLY A 314 3.33 0.49 -9.60
C GLY A 314 3.19 1.98 -9.40
N GLY A 315 1.96 2.48 -9.51
CA GLY A 315 1.69 3.89 -9.32
C GLY A 315 1.78 4.31 -7.88
N PRO A 316 2.45 5.42 -7.61
CA PRO A 316 2.53 5.94 -6.23
C PRO A 316 1.13 6.28 -5.71
N HIS A 317 0.97 6.13 -4.40
CA HIS A 317 -0.25 6.58 -3.72
C HIS A 317 -0.04 8.03 -3.29
N ASN A 318 -0.31 8.94 -4.24
CA ASN A 318 0.00 10.35 -4.01
C ASN A 318 -0.84 10.94 -2.88
N HIS A 319 -2.03 10.39 -2.63
CA HIS A 319 -2.82 10.83 -1.50
C HIS A 319 -2.13 10.52 -0.18
N ALA A 320 -1.53 9.32 -0.08
CA ALA A 320 -0.80 8.95 1.13
C ALA A 320 0.49 9.77 1.26
N ILE A 321 1.14 10.06 0.14
CA ILE A 321 2.38 10.84 0.17
C ILE A 321 2.12 12.23 0.74
N ALA A 322 1.02 12.86 0.31
CA ALA A 322 0.70 14.19 0.83
C ALA A 322 0.36 14.13 2.32
N ALA A 323 -0.38 13.11 2.74
CA ALA A 323 -0.68 12.95 4.16
C ALA A 323 0.61 12.75 4.96
N VAL A 324 1.57 12.03 4.39
CA VAL A 324 2.87 11.87 5.05
C VAL A 324 3.57 13.22 5.16
N ALA A 325 3.53 14.02 4.09
CA ALA A 325 4.17 15.33 4.13
C ALA A 325 3.53 16.24 5.17
N VAL A 326 2.21 16.14 5.34
CA VAL A 326 1.54 16.93 6.38
C VAL A 326 2.05 16.52 7.75
N ALA A 327 2.12 15.21 8.01
CA ALA A 327 2.58 14.72 9.31
C ALA A 327 4.05 15.07 9.53
N LEU A 328 4.87 14.96 8.49
CA LEU A 328 6.29 15.29 8.62
C LEU A 328 6.47 16.77 8.96
N LYS A 329 5.63 17.64 8.39
CA LYS A 329 5.64 19.04 8.79
C LYS A 329 5.31 19.19 10.26
N GLN A 330 4.34 18.41 10.76
CA GLN A 330 3.98 18.46 12.17
C GLN A 330 5.13 17.97 13.06
N ALA A 331 5.96 17.08 12.54
CA ALA A 331 7.04 16.49 13.33
C ALA A 331 8.22 17.43 13.54
N CYS A 332 8.28 18.55 12.80
CA CYS A 332 9.37 19.51 12.96
C CYS A 332 9.06 20.60 13.98
N THR A 333 7.82 20.67 14.47
CA THR A 333 7.41 21.77 15.32
C THR A 333 7.81 21.51 16.78
N PRO A 334 7.92 22.58 17.58
CA PRO A 334 8.15 22.38 19.02
C PRO A 334 7.06 21.56 19.69
N MET A 335 5.83 21.62 19.15
CA MET A 335 4.75 20.81 19.71
C MET A 335 5.08 19.32 19.65
N PHE A 336 5.62 18.86 18.52
CA PHE A 336 5.92 17.44 18.38
C PHE A 336 7.04 17.00 19.32
N ARG A 337 8.00 17.88 19.60
CA ARG A 337 9.03 17.54 20.58
C ARG A 337 8.42 17.39 21.97
N GLU A 338 7.49 18.28 22.34
CA GLU A 338 6.80 18.14 23.62
C GLU A 338 5.95 16.88 23.66
N TYR A 339 5.37 16.51 22.52
CA TYR A 339 4.59 15.28 22.46
C TYR A 339 5.47 14.06 22.67
N SER A 340 6.63 14.02 22.00
CA SER A 340 7.54 12.89 22.16
C SER A 340 8.12 12.81 23.57
N LEU A 341 8.46 13.96 24.14
CA LEU A 341 8.92 13.98 25.53
C LEU A 341 7.86 13.43 26.47
N GLN A 342 6.59 13.78 26.23
CA GLN A 342 5.51 13.25 27.05
C GLN A 342 5.33 11.75 26.85
N VAL A 343 5.58 11.26 25.63
CA VAL A 343 5.48 9.82 25.38
C VAL A 343 6.50 9.07 26.22
N LEU A 344 7.73 9.59 26.31
CA LEU A 344 8.75 8.97 27.14
C LEU A 344 8.36 9.01 28.62
N LYS A 345 7.85 10.15 29.08
CA LYS A 345 7.42 10.26 30.47
C LYS A 345 6.27 9.31 30.76
N ASN A 346 5.30 9.24 29.85
CA ASN A 346 4.13 8.39 30.09
C ASN A 346 4.52 6.91 30.11
N ALA A 347 5.41 6.50 29.20
CA ALA A 347 5.88 5.12 29.20
C ALA A 347 6.63 4.79 30.49
N ARG A 348 7.50 5.69 30.94
CA ARG A 348 8.22 5.46 32.18
C ARG A 348 7.27 5.48 33.37
N ALA A 349 6.27 6.36 33.35
CA ALA A 349 5.28 6.38 34.42
C ALA A 349 4.46 5.10 34.43
N MET A 350 4.08 4.60 33.25
CA MET A 350 3.39 3.32 33.18
C MET A 350 4.30 2.19 33.65
N ALA A 351 5.59 2.28 33.33
CA ALA A 351 6.54 1.27 33.81
C ALA A 351 6.71 1.35 35.32
N ASP A 352 6.93 2.55 35.85
CA ASP A 352 7.08 2.71 37.30
C ASP A 352 5.81 2.29 38.03
N ALA A 353 4.64 2.58 37.45
CA ALA A 353 3.38 2.18 38.08
C ALA A 353 3.24 0.67 38.10
N LEU A 354 3.59 0.00 36.99
CA LEU A 354 3.51 -1.45 36.96
C LEU A 354 4.44 -2.08 37.98
N LEU A 355 5.64 -1.53 38.14
CA LEU A 355 6.57 -2.05 39.14
C LEU A 355 6.02 -1.90 40.55
N GLU A 356 5.25 -0.83 40.80
CA GLU A 356 4.71 -0.62 42.14
C GLU A 356 3.65 -1.66 42.48
N ARG A 357 2.82 -2.05 41.51
N ARG A 357 2.82 -2.05 41.51
CA ARG A 357 1.79 -3.05 41.72
CA ARG A 357 1.78 -3.05 41.73
C ARG A 357 2.32 -4.47 41.58
C ARG A 357 2.32 -4.48 41.69
N GLY A 358 3.63 -4.66 41.73
CA GLY A 358 4.21 -5.99 41.73
C GLY A 358 4.22 -6.68 40.38
N TYR A 359 4.75 -6.00 39.36
CA TYR A 359 4.89 -6.57 38.03
C TYR A 359 6.36 -6.60 37.64
N SER A 360 6.69 -7.47 36.70
CA SER A 360 8.04 -7.60 36.17
C SER A 360 8.10 -7.02 34.76
N LEU A 361 9.22 -6.39 34.43
CA LEU A 361 9.43 -5.76 33.14
C LEU A 361 10.67 -6.34 32.49
N VAL A 362 10.55 -6.73 31.22
CA VAL A 362 11.71 -7.19 30.47
C VAL A 362 12.72 -6.05 30.36
N SER A 363 13.99 -6.37 30.60
CA SER A 363 15.07 -5.39 30.67
C SER A 363 14.89 -4.40 31.82
N GLY A 364 14.01 -4.72 32.77
CA GLY A 364 13.86 -3.96 34.00
C GLY A 364 13.10 -2.66 33.88
N GLY A 365 12.78 -2.21 32.66
CA GLY A 365 12.05 -0.96 32.51
C GLY A 365 11.89 -0.53 31.06
N THR A 366 12.15 0.75 30.79
CA THR A 366 11.99 1.25 29.43
C THR A 366 12.81 2.52 29.25
N ASP A 367 13.23 2.75 28.01
CA ASP A 367 13.89 3.98 27.61
C ASP A 367 13.22 4.61 26.39
N ASN A 368 12.08 4.08 25.95
CA ASN A 368 11.39 4.62 24.79
C ASN A 368 9.88 4.72 25.05
N HIS A 369 9.09 4.39 24.03
CA HIS A 369 7.65 4.63 24.04
C HIS A 369 6.84 3.47 24.60
N LEU A 370 7.41 2.27 24.69
CA LEU A 370 6.66 1.09 25.09
C LEU A 370 7.26 0.47 26.34
N VAL A 371 6.52 -0.51 26.89
CA VAL A 371 6.91 -1.24 28.08
C VAL A 371 6.59 -2.71 27.85
N LEU A 372 7.52 -3.59 28.19
CA LEU A 372 7.34 -5.03 28.04
C LEU A 372 7.03 -5.62 29.41
N VAL A 373 5.77 -6.00 29.63
CA VAL A 373 5.32 -6.51 30.91
C VAL A 373 5.50 -8.02 30.94
N ASP A 374 6.13 -8.52 32.01
CA ASP A 374 6.33 -9.95 32.23
C ASP A 374 5.29 -10.41 33.25
N LEU A 375 4.30 -11.17 32.78
CA LEU A 375 3.18 -11.58 33.61
C LEU A 375 3.38 -12.90 34.32
N ARG A 376 4.43 -13.66 33.98
CA ARG A 376 4.64 -14.95 34.61
C ARG A 376 4.80 -14.88 36.14
N PRO A 377 5.50 -13.91 36.72
CA PRO A 377 5.58 -13.84 38.19
C PRO A 377 4.25 -13.57 38.88
N LYS A 378 3.18 -13.26 38.13
CA LYS A 378 1.87 -13.01 38.73
C LYS A 378 0.85 -14.10 38.44
N GLY A 379 1.16 -15.06 37.56
CA GLY A 379 0.32 -16.22 37.38
C GLY A 379 -0.58 -16.24 36.17
N LEU A 380 -0.51 -15.23 35.30
CA LEU A 380 -1.34 -15.18 34.10
C LEU A 380 -0.46 -15.09 32.87
N ASP A 381 -0.97 -15.61 31.76
CA ASP A 381 -0.30 -15.55 30.47
C ASP A 381 -0.82 -14.36 29.66
N GLY A 382 0.00 -13.93 28.70
CA GLY A 382 -0.37 -12.79 27.87
C GLY A 382 -1.54 -13.07 26.94
N ALA A 383 -1.80 -14.34 26.62
CA ALA A 383 -2.94 -14.65 25.78
C ALA A 383 -4.25 -14.44 26.53
N ARG A 384 -4.31 -14.89 27.79
CA ARG A 384 -5.52 -14.70 28.57
C ARG A 384 -5.70 -13.24 28.97
N ALA A 385 -4.60 -12.56 29.31
CA ALA A 385 -4.70 -11.15 29.70
C ALA A 385 -5.10 -10.26 28.54
N GLU A 386 -4.74 -10.65 27.31
CA GLU A 386 -5.10 -9.84 26.15
C GLU A 386 -6.61 -9.86 25.91
N ARG A 387 -7.23 -11.03 26.03
CA ARG A 387 -8.66 -11.14 25.78
C ARG A 387 -9.46 -10.45 26.89
N VAL A 388 -8.98 -10.54 28.14
CA VAL A 388 -9.68 -9.89 29.25
C VAL A 388 -9.64 -8.38 29.07
N LEU A 389 -8.46 -7.84 28.75
CA LEU A 389 -8.33 -6.40 28.57
C LEU A 389 -9.11 -5.92 27.34
N GLU A 390 -9.22 -6.77 26.31
CA GLU A 390 -9.98 -6.38 25.13
C GLU A 390 -11.46 -6.24 25.43
N LEU A 391 -11.99 -7.06 26.34
CA LEU A 391 -13.40 -6.99 26.72
C LEU A 391 -13.71 -5.84 27.67
N VAL A 392 -12.69 -5.16 28.19
CA VAL A 392 -12.89 -3.95 28.97
C VAL A 392 -12.34 -2.73 28.24
N SER A 393 -12.26 -2.83 26.91
CA SER A 393 -11.86 -1.71 26.04
C SER A 393 -10.43 -1.24 26.30
N ILE A 394 -9.54 -2.18 26.63
CA ILE A 394 -8.12 -1.90 26.78
C ILE A 394 -7.40 -2.79 25.77
N THR A 395 -7.00 -2.21 24.64
CA THR A 395 -6.39 -2.97 23.56
C THR A 395 -4.88 -3.03 23.76
N ALA A 396 -4.36 -4.26 23.89
CA ALA A 396 -2.93 -4.51 23.94
C ALA A 396 -2.67 -5.77 23.12
N ASN A 397 -1.46 -6.32 23.23
CA ASN A 397 -1.15 -7.55 22.53
C ASN A 397 -0.19 -8.38 23.36
N LYS A 398 -0.38 -9.69 23.33
CA LYS A 398 0.51 -10.61 24.01
C LYS A 398 1.91 -10.52 23.41
N ASN A 399 2.91 -10.79 24.26
CA ASN A 399 4.30 -10.68 23.84
C ASN A 399 5.12 -11.76 24.51
N THR A 400 5.93 -12.47 23.70
CA THR A 400 6.83 -13.47 24.23
C THR A 400 7.86 -12.83 25.16
N CYS A 401 8.27 -13.58 26.17
CA CYS A 401 9.28 -13.14 27.12
C CYS A 401 10.57 -13.92 26.94
N PRO A 402 11.71 -13.36 27.35
CA PRO A 402 12.95 -14.15 27.35
C PRO A 402 12.86 -15.34 28.28
N GLY A 403 12.63 -16.52 27.72
CA GLY A 403 12.48 -17.72 28.51
C GLY A 403 11.68 -18.79 27.80
N ASP A 404 10.42 -18.50 27.51
CA ASP A 404 9.60 -19.44 26.77
C ASP A 404 10.03 -19.48 25.30
N ARG A 405 9.70 -20.58 24.64
CA ARG A 405 10.09 -20.79 23.25
C ARG A 405 8.96 -21.40 22.43
N ILE A 408 5.13 -22.28 23.20
CA ILE A 408 4.62 -21.86 24.50
C ILE A 408 3.75 -20.62 24.34
N THR A 409 2.63 -20.59 25.06
CA THR A 409 1.78 -19.42 25.01
C THR A 409 2.48 -18.24 25.67
N PRO A 410 2.43 -17.05 25.05
CA PRO A 410 3.24 -15.93 25.53
C PRO A 410 2.88 -15.55 26.97
N GLY A 411 3.92 -15.32 27.77
CA GLY A 411 3.78 -14.95 29.16
C GLY A 411 3.89 -13.47 29.46
N GLY A 412 3.84 -12.61 28.43
CA GLY A 412 4.02 -11.19 28.63
C GLY A 412 3.03 -10.38 27.80
N LEU A 413 3.19 -9.06 27.90
CA LEU A 413 2.27 -8.12 27.28
C LEU A 413 3.04 -6.87 26.87
N ARG A 414 2.74 -6.36 25.67
CA ARG A 414 3.34 -5.14 25.17
C ARG A 414 2.35 -3.99 25.32
N LEU A 415 2.80 -2.91 25.95
CA LEU A 415 1.97 -1.73 26.19
C LEU A 415 2.66 -0.51 25.62
N GLY A 416 1.90 0.33 24.92
CA GLY A 416 2.43 1.50 24.25
C GLY A 416 1.84 2.78 24.79
N ALA A 417 2.62 3.85 24.71
CA ALA A 417 2.25 5.19 25.12
C ALA A 417 1.82 6.14 24.00
N PRO A 418 2.31 6.01 22.75
CA PRO A 418 2.05 7.06 21.76
C PRO A 418 0.58 7.34 21.47
N ALA A 419 -0.28 6.31 21.50
CA ALA A 419 -1.68 6.51 21.15
C ALA A 419 -2.37 7.43 22.14
N LEU A 420 -2.41 7.03 23.42
CA LEU A 420 -3.13 7.82 24.41
C LEU A 420 -2.44 9.15 24.69
N THR A 421 -1.12 9.22 24.52
CA THR A 421 -0.43 10.49 24.71
C THR A 421 -0.85 11.51 23.67
N SER A 422 -1.21 11.06 22.47
CA SER A 422 -1.77 11.97 21.47
C SER A 422 -3.13 12.49 21.90
N ARG A 423 -3.85 11.73 22.73
CA ARG A 423 -5.10 12.16 23.33
C ARG A 423 -4.89 12.99 24.60
N GLN A 424 -3.68 13.55 24.76
CA GLN A 424 -3.33 14.43 25.88
C GLN A 424 -3.35 13.72 27.22
N PHE A 425 -3.07 12.42 27.23
CA PHE A 425 -2.82 11.72 28.48
C PHE A 425 -1.51 12.20 29.09
N ARG A 426 -1.47 12.25 30.42
CA ARG A 426 -0.28 12.62 31.15
C ARG A 426 0.08 11.50 32.13
N GLU A 427 1.11 11.76 32.95
CA GLU A 427 1.67 10.71 33.81
C GLU A 427 0.61 10.15 34.77
N ASP A 428 -0.16 11.02 35.41
CA ASP A 428 -1.20 10.55 36.32
C ASP A 428 -2.27 9.77 35.57
N ASP A 429 -2.54 10.13 34.31
CA ASP A 429 -3.54 9.39 33.53
C ASP A 429 -3.08 7.97 33.25
N PHE A 430 -1.78 7.77 33.01
CA PHE A 430 -1.27 6.43 32.76
C PHE A 430 -1.18 5.60 34.02
N ARG A 431 -0.87 6.23 35.17
CA ARG A 431 -0.97 5.52 36.44
C ARG A 431 -2.39 5.05 36.68
N ARG A 432 -3.38 5.84 36.25
CA ARG A 432 -4.77 5.39 36.28
C ARG A 432 -5.01 4.29 35.25
N VAL A 433 -4.32 4.35 34.12
CA VAL A 433 -4.45 3.30 33.10
C VAL A 433 -3.94 1.97 33.65
N VAL A 434 -2.88 2.01 34.45
CA VAL A 434 -2.36 0.79 35.06
C VAL A 434 -3.37 0.20 36.04
N ASP A 435 -4.07 1.06 36.79
CA ASP A 435 -5.06 0.58 37.74
C ASP A 435 -6.17 -0.21 37.05
N PHE A 436 -6.63 0.28 35.90
CA PHE A 436 -7.61 -0.47 35.12
C PHE A 436 -7.02 -1.79 34.63
N ILE A 437 -5.74 -1.77 34.22
CA ILE A 437 -5.07 -2.98 33.78
C ILE A 437 -4.96 -3.96 34.95
N ASP A 438 -4.63 -3.46 36.14
CA ASP A 438 -4.46 -4.33 37.29
C ASP A 438 -5.75 -5.05 37.64
N GLU A 439 -6.90 -4.38 37.46
CA GLU A 439 -8.18 -5.03 37.71
C GLU A 439 -8.45 -6.13 36.70
N GLY A 440 -8.18 -5.87 35.42
CA GLY A 440 -8.35 -6.89 34.41
C GLY A 440 -7.51 -8.12 34.66
N VAL A 441 -6.25 -7.92 35.08
CA VAL A 441 -5.39 -9.05 35.41
C VAL A 441 -5.98 -9.85 36.56
N ASN A 442 -6.49 -9.16 37.59
CA ASN A 442 -7.11 -9.86 38.71
C ASN A 442 -8.38 -10.59 38.27
N ILE A 443 -9.10 -10.04 37.28
CA ILE A 443 -10.25 -10.74 36.72
C ILE A 443 -9.80 -11.96 35.95
N GLY A 444 -8.74 -11.82 35.15
CA GLY A 444 -8.21 -12.97 34.42
C GLY A 444 -7.67 -14.06 35.32
N LEU A 445 -7.11 -13.68 36.47
CA LEU A 445 -6.64 -14.68 37.43
C LEU A 445 -7.80 -15.48 38.00
N GLU A 446 -8.91 -14.81 38.33
CA GLU A 446 -10.05 -15.50 38.92
C GLU A 446 -10.69 -16.47 37.93
N VAL A 447 -10.75 -16.09 36.66
CA VAL A 447 -11.39 -16.95 35.67
C VAL A 447 -10.51 -18.14 35.31
N LYS A 448 -9.19 -17.98 35.34
CA LYS A 448 -8.31 -19.11 35.06
C LYS A 448 -8.45 -20.19 36.12
N SER A 449 -8.66 -19.80 37.38
CA SER A 449 -8.85 -20.77 38.45
C SER A 449 -10.19 -21.49 38.36
N LYS A 450 -11.08 -21.06 37.47
CA LYS A 450 -12.34 -21.74 37.24
C LYS A 450 -12.45 -22.36 35.86
N THR A 451 -11.40 -22.31 35.06
CA THR A 451 -11.44 -22.77 33.67
C THR A 451 -10.23 -23.65 33.39
N ALA A 452 -10.28 -24.36 32.25
CA ALA A 452 -9.26 -25.33 31.89
C ALA A 452 -8.48 -24.77 30.70
N LYS A 453 -8.79 -25.16 29.47
CA LYS A 453 -8.00 -24.76 28.32
C LYS A 453 -8.24 -23.28 27.99
N LEU A 454 -7.54 -22.81 26.95
CA LEU A 454 -7.64 -21.41 26.58
C LEU A 454 -9.02 -21.08 26.00
N GLN A 455 -9.57 -21.96 25.16
CA GLN A 455 -10.89 -21.73 24.61
C GLN A 455 -11.96 -21.76 25.69
N ASP A 456 -11.78 -22.59 26.72
CA ASP A 456 -12.70 -22.57 27.85
C ASP A 456 -12.57 -21.28 28.63
N PHE A 457 -11.41 -20.63 28.59
CA PHE A 457 -11.23 -19.34 29.26
C PHE A 457 -11.98 -18.24 28.51
N LYS A 458 -11.71 -18.09 27.21
CA LYS A 458 -12.37 -17.05 26.42
C LYS A 458 -13.88 -17.22 26.45
N SER A 459 -14.37 -18.45 26.34
CA SER A 459 -15.80 -18.70 26.35
C SER A 459 -16.42 -18.49 27.72
N PHE A 460 -15.61 -18.48 28.78
CA PHE A 460 -16.16 -18.26 30.12
C PHE A 460 -16.50 -16.79 30.35
N LEU A 461 -15.67 -15.87 29.84
CA LEU A 461 -15.94 -14.45 30.01
C LEU A 461 -17.20 -14.00 29.29
N LEU A 462 -17.68 -14.78 28.33
CA LEU A 462 -18.86 -14.41 27.55
C LEU A 462 -20.13 -15.11 28.03
N LYS A 463 -20.03 -16.23 28.75
CA LYS A 463 -21.18 -17.03 29.11
C LYS A 463 -21.34 -17.23 30.61
N ASP A 464 -20.51 -16.58 31.43
CA ASP A 464 -20.64 -16.64 32.89
C ASP A 464 -21.07 -15.27 33.38
N SER A 465 -22.28 -15.19 33.93
CA SER A 465 -22.88 -13.90 34.26
C SER A 465 -22.10 -13.17 35.35
N GLU A 466 -21.60 -13.89 36.35
CA GLU A 466 -20.90 -13.24 37.45
C GLU A 466 -19.65 -12.53 36.98
N THR A 467 -18.89 -13.15 36.07
CA THR A 467 -17.72 -12.48 35.52
C THR A 467 -18.10 -11.50 34.42
N SER A 468 -19.12 -11.83 33.62
CA SER A 468 -19.57 -10.90 32.58
C SER A 468 -20.08 -9.60 33.19
N GLN A 469 -20.83 -9.69 34.29
CA GLN A 469 -21.30 -8.49 34.97
C GLN A 469 -20.14 -7.67 35.52
N ARG A 470 -19.12 -8.33 36.04
CA ARG A 470 -17.95 -7.62 36.55
C ARG A 470 -17.08 -7.07 35.43
N LEU A 471 -17.18 -7.64 34.22
CA LEU A 471 -16.47 -7.07 33.08
C LEU A 471 -17.18 -5.84 32.55
N ALA A 472 -18.51 -5.86 32.54
CA ALA A 472 -19.27 -4.71 32.07
C ALA A 472 -19.07 -3.50 32.99
N ASN A 473 -18.84 -3.74 34.28
CA ASN A 473 -18.62 -2.63 35.19
C ASN A 473 -17.25 -2.00 34.99
N LEU A 474 -16.23 -2.82 34.72
CA LEU A 474 -14.90 -2.27 34.45
C LEU A 474 -14.84 -1.64 33.06
N ARG A 475 -15.50 -2.25 32.08
CA ARG A 475 -15.53 -1.67 30.74
C ARG A 475 -16.20 -0.30 30.75
N GLN A 476 -17.37 -0.20 31.38
CA GLN A 476 -18.05 1.08 31.48
C GLN A 476 -17.20 2.10 32.23
N ARG A 477 -16.57 1.68 33.33
CA ARG A 477 -15.69 2.57 34.08
C ARG A 477 -14.45 2.95 33.29
N VAL A 478 -14.05 2.13 32.32
CA VAL A 478 -12.92 2.47 31.45
C VAL A 478 -13.36 3.40 30.33
N GLU A 479 -14.51 3.09 29.71
CA GLU A 479 -14.98 3.89 28.58
C GLU A 479 -15.32 5.31 29.01
N GLN A 480 -15.88 5.47 30.22
CA GLN A 480 -16.15 6.80 30.73
C GLN A 480 -14.86 7.60 30.89
N PHE A 481 -13.79 6.94 31.37
CA PHE A 481 -12.51 7.62 31.53
C PHE A 481 -11.91 7.99 30.18
N ALA A 482 -12.06 7.12 29.18
CA ALA A 482 -11.41 7.36 27.89
C ALA A 482 -12.16 8.43 27.09
N ARG A 483 -13.49 8.38 27.09
CA ARG A 483 -14.27 9.31 26.27
C ARG A 483 -13.99 10.76 26.62
N ALA A 484 -13.62 11.05 27.86
CA ALA A 484 -13.41 12.43 28.30
C ALA A 484 -12.22 13.08 27.62
N PHE A 485 -11.31 12.29 27.03
CA PHE A 485 -10.11 12.87 26.46
C PHE A 485 -10.34 13.24 24.99
N PRO A 486 -9.65 14.27 24.50
CA PRO A 486 -9.80 14.66 23.08
C PRO A 486 -9.26 13.59 22.15
N MET A 487 -9.66 13.69 20.89
CA MET A 487 -9.28 12.69 19.89
C MET A 487 -8.95 13.35 18.56
N PRO A 488 -7.74 13.17 18.05
CA PRO A 488 -7.40 13.70 16.72
C PRO A 488 -8.27 13.09 15.64
N GLY A 489 -8.31 13.75 14.49
CA GLY A 489 -9.10 13.30 13.36
C GLY A 489 -10.43 14.01 13.27
N PHE A 490 -11.27 13.49 12.38
CA PHE A 490 -12.63 14.00 12.25
C PHE A 490 -13.46 13.60 13.47
N ASP A 491 -14.57 14.31 13.67
CA ASP A 491 -15.38 14.09 14.86
C ASP A 491 -16.26 12.86 14.76
N GLU A 492 -16.75 12.53 13.56
CA GLU A 492 -17.72 11.46 13.40
C GLU A 492 -17.22 10.28 12.58
N HIS A 493 -16.02 10.34 12.01
CA HIS A 493 -15.49 9.22 11.24
C HIS A 493 -13.96 9.28 11.14
N TRP B 32 -2.24 22.20 20.14
CA TRP B 32 -2.46 21.22 19.09
C TRP B 32 -3.43 20.13 19.53
N THR B 33 -4.41 19.83 18.68
CA THR B 33 -5.42 18.83 18.98
C THR B 33 -5.51 17.71 17.97
N GLY B 34 -4.99 17.89 16.76
CA GLY B 34 -5.20 16.91 15.71
C GLY B 34 -6.53 17.02 15.00
N GLN B 35 -7.33 18.03 15.34
CA GLN B 35 -8.62 18.26 14.70
C GLN B 35 -8.65 19.52 13.86
N GLU B 36 -7.54 20.24 13.78
CA GLU B 36 -7.47 21.44 12.95
C GLU B 36 -7.58 21.06 11.47
N SER B 37 -8.16 21.97 10.69
CA SER B 37 -8.33 21.73 9.27
C SER B 37 -6.99 21.74 8.55
N LEU B 38 -6.95 21.11 7.38
CA LEU B 38 -5.74 21.13 6.57
C LEU B 38 -5.45 22.53 6.05
N SER B 39 -6.49 23.25 5.64
CA SER B 39 -6.29 24.61 5.11
C SER B 39 -5.79 25.58 6.17
N ASP B 40 -6.03 25.30 7.45
CA ASP B 40 -5.55 26.16 8.53
C ASP B 40 -4.15 25.79 8.99
N SER B 41 -3.86 24.49 9.11
CA SER B 41 -2.61 24.04 9.69
C SER B 41 -1.49 23.91 8.68
N ASP B 42 -1.78 23.41 7.48
CA ASP B 42 -0.77 23.24 6.42
C ASP B 42 -1.27 23.93 5.16
N PRO B 43 -1.19 25.27 5.11
CA PRO B 43 -1.66 25.97 3.91
C PRO B 43 -0.82 25.71 2.68
N GLU B 44 0.46 25.36 2.84
CA GLU B 44 1.28 25.02 1.68
C GLU B 44 0.77 23.75 1.01
N MET B 45 0.38 22.75 1.80
CA MET B 45 -0.15 21.52 1.23
C MET B 45 -1.57 21.73 0.70
N TRP B 46 -2.35 22.60 1.33
CA TRP B 46 -3.71 22.84 0.87
C TRP B 46 -3.72 23.46 -0.52
N GLU B 47 -2.81 24.42 -0.78
CA GLU B 47 -2.73 25.01 -2.10
C GLU B 47 -2.35 23.96 -3.15
N LEU B 48 -1.45 23.04 -2.79
CA LEU B 48 -1.08 21.98 -3.72
C LEU B 48 -2.24 21.03 -3.97
N LEU B 49 -3.08 20.80 -2.98
CA LEU B 49 -4.28 19.99 -3.19
C LEU B 49 -5.21 20.66 -4.19
N GLN B 50 -5.41 21.97 -4.05
CA GLN B 50 -6.31 22.68 -4.96
C GLN B 50 -5.70 22.83 -6.35
N ARG B 51 -4.38 22.99 -6.44
CA ARG B 51 -3.73 23.06 -7.74
C ARG B 51 -3.95 21.78 -8.53
N GLU B 52 -3.92 20.63 -7.85
CA GLU B 52 -4.17 19.37 -8.52
C GLU B 52 -5.66 19.17 -8.81
N LYS B 53 -6.52 19.61 -7.89
CA LYS B 53 -7.96 19.52 -8.13
C LYS B 53 -8.36 20.40 -9.32
N ASP B 54 -7.72 21.55 -9.47
CA ASP B 54 -7.98 22.40 -10.62
C ASP B 54 -7.42 21.80 -11.90
N ARG B 55 -6.23 21.18 -11.81
CA ARG B 55 -5.62 20.57 -12.98
C ARG B 55 -6.45 19.41 -13.51
N GLN B 56 -7.03 18.62 -12.59
CA GLN B 56 -7.89 17.52 -13.02
C GLN B 56 -9.18 18.05 -13.63
N CYS B 57 -9.71 19.15 -13.09
CA CYS B 57 -10.95 19.71 -13.62
C CYS B 57 -10.73 20.37 -14.98
N ARG B 58 -9.61 21.08 -15.14
CA ARG B 58 -9.39 21.88 -16.35
C ARG B 58 -8.97 21.05 -17.54
N GLY B 59 -8.44 19.83 -17.33
CA GLY B 59 -7.90 19.05 -18.41
C GLY B 59 -8.80 17.90 -18.83
N LEU B 60 -8.42 17.27 -19.94
CA LEU B 60 -9.07 16.08 -20.44
C LEU B 60 -8.19 14.88 -20.12
N GLU B 61 -8.72 13.95 -19.31
CA GLU B 61 -7.97 12.78 -18.88
C GLU B 61 -8.24 11.63 -19.83
N LEU B 62 -7.23 11.23 -20.59
CA LEU B 62 -7.35 10.12 -21.53
C LEU B 62 -6.30 9.03 -21.28
N ILE B 63 -5.68 9.03 -20.10
CA ILE B 63 -4.86 7.89 -19.72
C ILE B 63 -5.78 6.75 -19.30
N ALA B 64 -5.68 5.63 -20.01
CA ALA B 64 -6.65 4.55 -19.85
C ALA B 64 -6.71 3.99 -18.44
N SER B 65 -5.67 4.21 -17.64
CA SER B 65 -5.61 3.64 -16.30
C SER B 65 -6.19 4.56 -15.23
N GLU B 66 -6.48 5.81 -15.55
CA GLU B 66 -6.91 6.77 -14.55
C GLU B 66 -8.41 7.00 -14.59
N ASN B 67 -8.95 7.44 -13.45
CA ASN B 67 -10.36 7.72 -13.30
C ASN B 67 -10.50 8.83 -12.25
N PHE B 68 -11.72 9.03 -11.77
CA PHE B 68 -12.00 10.05 -10.76
C PHE B 68 -12.85 9.40 -9.67
N CYS B 69 -12.26 9.24 -8.48
CA CYS B 69 -12.92 8.52 -7.40
C CYS B 69 -14.11 9.31 -6.86
N SER B 70 -15.13 8.59 -6.42
CA SER B 70 -16.30 9.22 -5.83
C SER B 70 -15.96 9.83 -4.48
N ARG B 71 -16.72 10.84 -4.08
CA ARG B 71 -16.52 11.46 -2.78
C ARG B 71 -16.82 10.50 -1.65
N ALA B 72 -17.81 9.61 -1.84
CA ALA B 72 -18.18 8.66 -0.80
C ALA B 72 -17.01 7.74 -0.46
N ALA B 73 -16.23 7.34 -1.45
CA ALA B 73 -15.07 6.49 -1.18
C ALA B 73 -13.92 7.28 -0.56
N LEU B 74 -13.71 8.52 -1.02
CA LEU B 74 -12.63 9.34 -0.45
C LEU B 74 -12.87 9.65 1.01
N GLU B 75 -14.14 9.81 1.41
CA GLU B 75 -14.45 10.06 2.82
C GLU B 75 -14.01 8.87 3.68
N ALA B 76 -14.18 7.65 3.16
CA ALA B 76 -13.68 6.48 3.87
C ALA B 76 -12.17 6.34 3.74
N LEU B 77 -11.60 6.76 2.61
CA LEU B 77 -10.15 6.67 2.42
C LEU B 77 -9.42 7.54 3.45
N GLY B 78 -9.99 8.70 3.78
CA GLY B 78 -9.40 9.56 4.79
C GLY B 78 -10.20 9.54 6.08
N SER B 79 -10.34 8.37 6.69
CA SER B 79 -11.14 8.18 7.88
C SER B 79 -10.25 7.66 9.02
N CYS B 80 -10.87 7.46 10.19
CA CYS B 80 -10.17 6.97 11.36
C CYS B 80 -9.73 5.52 11.22
N LEU B 81 -10.16 4.83 10.16
CA LEU B 81 -9.72 3.45 9.94
C LEU B 81 -8.22 3.36 9.70
N ASN B 82 -7.58 4.48 9.36
CA ASN B 82 -6.13 4.51 9.26
C ASN B 82 -5.47 4.23 10.62
N ASN B 83 -6.18 4.46 11.72
CA ASN B 83 -5.63 4.31 13.06
C ASN B 83 -5.73 2.89 13.60
N LYS B 84 -6.04 1.91 12.76
CA LYS B 84 -6.30 0.55 13.23
C LYS B 84 -5.29 -0.42 12.64
N TYR B 85 -4.42 -0.97 13.48
CA TYR B 85 -3.60 -2.11 13.10
C TYR B 85 -4.43 -3.38 13.28
N SER B 86 -4.65 -4.10 12.17
CA SER B 86 -5.47 -5.31 12.19
C SER B 86 -4.76 -6.41 11.41
N GLU B 87 -3.54 -6.73 11.85
CA GLU B 87 -2.76 -7.76 11.19
C GLU B 87 -3.42 -9.12 11.37
N GLY B 88 -3.57 -9.84 10.27
CA GLY B 88 -4.33 -11.06 10.22
C GLY B 88 -5.55 -10.96 9.34
N TYR B 89 -6.52 -11.81 9.61
CA TYR B 89 -7.75 -11.90 8.85
C TYR B 89 -8.92 -12.02 9.81
N PRO B 90 -10.12 -11.64 9.38
CA PRO B 90 -11.28 -11.73 10.27
C PRO B 90 -11.41 -13.10 10.91
N GLY B 91 -11.46 -13.12 12.23
CA GLY B 91 -11.45 -14.36 12.97
C GLY B 91 -10.07 -14.72 13.46
N LYS B 92 -9.08 -14.64 12.59
CA LYS B 92 -7.69 -14.97 12.90
C LYS B 92 -6.85 -13.71 12.79
N ARG B 93 -7.01 -12.80 13.75
CA ARG B 93 -6.23 -11.57 13.80
C ARG B 93 -5.21 -11.67 14.92
N TYR B 94 -4.09 -10.95 14.73
CA TYR B 94 -2.94 -11.11 15.62
C TYR B 94 -3.22 -10.58 17.02
N TYR B 95 -4.10 -9.59 17.15
CA TYR B 95 -4.48 -9.06 18.45
C TYR B 95 -5.95 -8.64 18.40
N GLY B 96 -6.42 -8.00 19.48
CA GLY B 96 -7.80 -7.64 19.62
C GLY B 96 -8.10 -6.23 19.15
N GLY B 97 -9.34 -5.80 19.44
CA GLY B 97 -9.81 -4.49 19.04
C GLY B 97 -10.34 -4.41 17.63
N ALA B 98 -10.37 -5.51 16.89
CA ALA B 98 -10.80 -5.54 15.51
C ALA B 98 -12.29 -5.86 15.36
N GLU B 99 -13.12 -5.42 16.31
CA GLU B 99 -14.55 -5.71 16.22
C GLU B 99 -15.16 -5.15 14.94
N VAL B 100 -14.86 -3.90 14.64
CA VAL B 100 -15.50 -3.21 13.53
C VAL B 100 -14.79 -3.47 12.20
N VAL B 101 -13.44 -3.44 12.20
CA VAL B 101 -12.74 -3.63 10.93
C VAL B 101 -12.86 -5.05 10.41
N ASP B 102 -13.19 -6.01 11.29
CA ASP B 102 -13.51 -7.35 10.80
C ASP B 102 -14.76 -7.33 9.95
N GLU B 103 -15.81 -6.66 10.44
CA GLU B 103 -17.04 -6.54 9.66
C GLU B 103 -16.81 -5.73 8.39
N ILE B 104 -15.91 -4.76 8.43
CA ILE B 104 -15.61 -3.96 7.24
C ILE B 104 -14.86 -4.80 6.21
N GLU B 105 -13.91 -5.63 6.66
CA GLU B 105 -13.21 -6.50 5.75
C GLU B 105 -14.13 -7.57 5.19
N LEU B 106 -14.99 -8.15 6.04
CA LEU B 106 -15.94 -9.15 5.55
C LEU B 106 -16.96 -8.53 4.62
N LEU B 107 -17.40 -7.30 4.92
CA LEU B 107 -18.33 -6.62 4.01
C LEU B 107 -17.67 -6.32 2.68
N CYS B 108 -16.41 -5.87 2.71
CA CYS B 108 -15.67 -5.66 1.46
C CYS B 108 -15.48 -6.96 0.71
N GLN B 109 -15.38 -8.08 1.43
CA GLN B 109 -15.30 -9.39 0.77
C GLN B 109 -16.64 -9.76 0.16
N ARG B 110 -17.73 -9.55 0.90
CA ARG B 110 -19.07 -9.83 0.36
C ARG B 110 -19.34 -8.99 -0.88
N ARG B 111 -19.01 -7.70 -0.81
CA ARG B 111 -19.24 -6.81 -1.94
C ARG B 111 -18.31 -7.10 -3.12
N ALA B 112 -17.15 -7.71 -2.87
CA ALA B 112 -16.24 -8.03 -3.96
C ALA B 112 -16.79 -9.17 -4.81
N LEU B 113 -17.40 -10.18 -4.17
CA LEU B 113 -17.98 -11.29 -4.92
C LEU B 113 -19.27 -10.89 -5.62
N GLU B 114 -20.01 -9.94 -5.06
CA GLU B 114 -21.24 -9.47 -5.70
C GLU B 114 -20.92 -8.68 -6.96
N ALA B 115 -19.93 -7.79 -6.89
CA ALA B 115 -19.61 -6.92 -8.01
C ALA B 115 -19.28 -7.67 -9.29
N PHE B 116 -18.83 -8.92 -9.18
CA PHE B 116 -18.52 -9.75 -10.34
C PHE B 116 -19.37 -11.02 -10.38
N ASP B 117 -20.39 -11.12 -9.51
CA ASP B 117 -21.30 -12.26 -9.46
C ASP B 117 -20.55 -13.57 -9.32
N LEU B 118 -20.17 -13.92 -8.10
CA LEU B 118 -19.43 -15.14 -7.84
C LEU B 118 -20.03 -15.85 -6.63
N ASP B 119 -20.08 -17.18 -6.70
CA ASP B 119 -20.62 -17.97 -5.61
C ASP B 119 -19.62 -18.04 -4.47
N PRO B 120 -20.02 -17.68 -3.24
CA PRO B 120 -19.09 -17.79 -2.10
C PRO B 120 -18.56 -19.20 -1.86
N ALA B 121 -19.09 -20.22 -2.54
CA ALA B 121 -18.57 -21.58 -2.44
C ALA B 121 -17.58 -21.92 -3.55
N GLN B 122 -17.56 -21.15 -4.63
CA GLN B 122 -16.59 -21.35 -5.71
C GLN B 122 -15.48 -20.31 -5.74
N TRP B 123 -15.65 -19.19 -5.05
CA TRP B 123 -14.71 -18.08 -5.13
C TRP B 123 -14.52 -17.44 -3.77
N GLY B 124 -13.26 -17.12 -3.44
CA GLY B 124 -12.94 -16.29 -2.31
C GLY B 124 -12.17 -15.07 -2.78
N VAL B 125 -12.01 -14.10 -1.87
CA VAL B 125 -11.36 -12.85 -2.21
C VAL B 125 -10.52 -12.38 -1.03
N ASN B 126 -9.39 -11.75 -1.36
CA ASN B 126 -8.48 -11.14 -0.40
C ASN B 126 -8.40 -9.65 -0.71
N VAL B 127 -8.88 -8.82 0.21
CA VAL B 127 -9.03 -7.39 -0.04
C VAL B 127 -7.88 -6.58 0.54
N GLN B 128 -6.82 -7.24 1.02
CA GLN B 128 -5.71 -6.58 1.68
C GLN B 128 -4.57 -6.07 0.78
N PRO B 129 -4.40 -6.53 -0.46
CA PRO B 129 -3.29 -6.02 -1.28
C PRO B 129 -3.27 -4.50 -1.36
N TYR B 130 -2.07 -3.93 -1.23
CA TYR B 130 -1.93 -2.48 -1.18
C TYR B 130 -2.23 -1.83 -2.53
N SER B 131 -1.93 -2.53 -3.63
CA SER B 131 -2.16 -1.97 -4.95
C SER B 131 -2.19 -3.14 -5.94
N GLY B 132 -2.05 -2.82 -7.24
CA GLY B 132 -2.06 -3.87 -8.24
C GLY B 132 -0.79 -4.70 -8.22
N SER B 133 0.35 -4.03 -8.30
CA SER B 133 1.64 -4.73 -8.23
C SER B 133 1.79 -5.62 -7.00
N PRO B 134 1.45 -5.18 -5.79
CA PRO B 134 1.51 -6.12 -4.65
C PRO B 134 0.61 -7.33 -4.81
N ALA B 135 -0.56 -7.17 -5.44
CA ALA B 135 -1.47 -8.29 -5.60
C ALA B 135 -0.90 -9.36 -6.51
N ASN B 136 -0.17 -8.96 -7.56
CA ASN B 136 0.43 -9.93 -8.45
C ASN B 136 1.57 -10.67 -7.76
N LEU B 137 2.50 -9.95 -7.15
CA LEU B 137 3.62 -10.58 -6.44
C LEU B 137 3.12 -11.49 -5.32
N ALA B 138 1.97 -11.18 -4.73
CA ALA B 138 1.41 -12.05 -3.71
C ALA B 138 0.94 -13.38 -4.30
N VAL B 139 0.43 -13.37 -5.53
CA VAL B 139 -0.01 -14.61 -6.16
C VAL B 139 1.19 -15.48 -6.51
N TYR B 140 2.24 -14.87 -7.07
CA TYR B 140 3.45 -15.63 -7.41
C TYR B 140 4.06 -16.26 -6.17
N THR B 141 4.16 -15.49 -5.08
CA THR B 141 4.70 -16.03 -3.84
C THR B 141 3.83 -17.16 -3.30
N ALA B 142 2.52 -17.05 -3.48
CA ALA B 142 1.60 -18.03 -2.91
C ALA B 142 1.68 -19.37 -3.65
N LEU B 143 1.67 -19.33 -4.98
CA LEU B 143 1.52 -20.53 -5.79
C LEU B 143 2.82 -21.07 -6.34
N LEU B 144 3.88 -20.28 -6.37
CA LEU B 144 5.13 -20.70 -6.97
C LEU B 144 6.25 -20.71 -5.92
N GLN B 145 7.35 -21.33 -6.31
CA GLN B 145 8.62 -21.29 -5.61
C GLN B 145 9.55 -20.29 -6.30
N PRO B 146 10.56 -19.79 -5.59
CA PRO B 146 11.51 -18.88 -6.23
C PRO B 146 12.12 -19.50 -7.48
N HIS B 147 12.20 -18.70 -8.54
CA HIS B 147 12.70 -19.07 -9.86
C HIS B 147 11.78 -20.03 -10.61
N ASP B 148 10.54 -20.19 -10.17
CA ASP B 148 9.57 -20.90 -10.99
C ASP B 148 9.23 -20.05 -12.23
N ARG B 149 8.66 -20.71 -13.23
CA ARG B 149 8.55 -20.12 -14.55
C ARG B 149 7.22 -19.40 -14.74
N ILE B 150 7.29 -18.22 -15.39
CA ILE B 150 6.17 -17.31 -15.53
C ILE B 150 6.06 -16.90 -16.98
N MET B 151 4.82 -16.80 -17.48
CA MET B 151 4.56 -16.37 -18.85
C MET B 151 3.53 -15.25 -18.84
N GLY B 152 3.92 -14.07 -19.32
CA GLY B 152 2.99 -12.97 -19.46
C GLY B 152 3.29 -12.18 -20.72
N LEU B 153 2.25 -11.50 -21.20
CA LEU B 153 2.40 -10.70 -22.43
C LEU B 153 3.49 -9.66 -22.23
N ASP B 154 4.34 -9.50 -23.25
CA ASP B 154 5.47 -8.59 -23.15
C ASP B 154 4.99 -7.16 -22.95
N LEU B 155 5.84 -6.33 -22.32
CA LEU B 155 5.42 -4.98 -21.99
C LEU B 155 5.26 -4.10 -23.22
N PRO B 156 6.23 -3.99 -24.14
CA PRO B 156 5.98 -3.19 -25.35
C PRO B 156 4.88 -3.75 -26.23
N ASP B 157 4.44 -4.98 -26.00
CA ASP B 157 3.34 -5.59 -26.74
C ASP B 157 2.00 -5.44 -26.00
N GLY B 158 1.98 -4.72 -24.88
CA GLY B 158 0.74 -4.44 -24.18
C GLY B 158 0.61 -5.03 -22.80
N GLY B 159 1.62 -5.79 -22.32
CA GLY B 159 1.56 -6.35 -20.99
C GLY B 159 2.13 -5.41 -19.95
N HIS B 160 1.90 -5.76 -18.69
CA HIS B 160 2.32 -4.92 -17.57
C HIS B 160 3.67 -5.38 -17.03
N LEU B 161 4.30 -4.48 -16.27
CA LEU B 161 5.56 -4.77 -15.60
C LEU B 161 5.46 -6.06 -14.79
N THR B 162 4.49 -6.12 -13.88
CA THR B 162 4.34 -7.24 -12.95
C THR B 162 4.01 -8.55 -13.63
N HIS B 163 3.92 -8.58 -14.96
CA HIS B 163 3.74 -9.82 -15.70
C HIS B 163 5.07 -10.52 -15.98
N GLY B 164 6.16 -10.01 -15.42
CA GLY B 164 7.47 -10.61 -15.60
C GLY B 164 8.24 -10.01 -16.75
N TYR B 165 8.45 -8.70 -16.71
CA TYR B 165 9.14 -7.99 -17.79
C TYR B 165 10.60 -7.78 -17.44
N MET B 166 11.48 -8.31 -18.27
CA MET B 166 12.90 -7.97 -18.26
C MET B 166 13.31 -7.62 -19.68
N SER B 167 14.18 -6.63 -19.82
CA SER B 167 14.64 -6.23 -21.13
C SER B 167 15.80 -7.11 -21.59
N ASP B 168 16.58 -6.64 -22.56
CA ASP B 168 17.75 -7.35 -23.03
C ASP B 168 19.02 -6.89 -22.35
N VAL B 169 18.92 -6.23 -21.20
CA VAL B 169 20.08 -5.71 -20.49
C VAL B 169 19.87 -5.80 -18.99
N LYS B 170 18.61 -5.81 -18.55
CA LYS B 170 18.31 -5.78 -17.13
C LYS B 170 17.01 -6.51 -16.84
N ARG B 171 16.90 -7.04 -15.62
CA ARG B 171 15.63 -7.50 -15.08
C ARG B 171 14.92 -6.30 -14.45
N ILE B 172 13.78 -5.93 -15.00
CA ILE B 172 13.08 -4.72 -14.57
C ILE B 172 12.18 -5.04 -13.38
N SER B 173 11.05 -5.68 -13.65
CA SER B 173 10.11 -6.01 -12.59
C SER B 173 10.70 -7.05 -11.64
N ALA B 174 10.46 -6.85 -10.35
CA ALA B 174 10.86 -7.85 -9.36
C ALA B 174 10.22 -9.21 -9.63
N THR B 175 9.11 -9.23 -10.37
CA THR B 175 8.51 -10.48 -10.80
C THR B 175 9.42 -11.27 -11.73
N SER B 176 10.36 -10.60 -12.38
CA SER B 176 11.36 -11.28 -13.22
C SER B 176 12.63 -11.61 -12.46
N ILE B 177 12.79 -11.10 -11.23
CA ILE B 177 13.97 -11.38 -10.43
C ILE B 177 13.72 -12.63 -9.60
N PHE B 178 12.68 -12.60 -8.77
CA PHE B 178 12.35 -13.73 -7.92
C PHE B 178 11.71 -14.88 -8.67
N PHE B 179 11.35 -14.68 -9.94
CA PHE B 179 10.77 -15.73 -10.76
C PHE B 179 11.32 -15.59 -12.18
N GLU B 180 11.31 -16.70 -12.92
CA GLU B 180 11.83 -16.73 -14.28
C GLU B 180 10.68 -16.53 -15.25
N SER B 181 10.75 -15.48 -16.05
CA SER B 181 9.64 -15.08 -16.91
C SER B 181 10.07 -15.07 -18.37
N MET B 182 9.21 -15.63 -19.23
CA MET B 182 9.38 -15.54 -20.68
C MET B 182 8.13 -14.92 -21.26
N PRO B 183 8.23 -13.83 -22.01
CA PRO B 183 7.03 -13.18 -22.54
C PRO B 183 6.51 -13.89 -23.78
N TYR B 184 5.20 -13.75 -24.00
CA TYR B 184 4.57 -14.12 -25.26
C TYR B 184 4.14 -12.84 -25.96
N LYS B 185 4.46 -12.73 -27.24
CA LYS B 185 4.38 -11.47 -27.96
C LYS B 185 3.06 -11.34 -28.73
N LEU B 186 2.86 -10.15 -29.29
CA LEU B 186 1.75 -9.90 -30.18
C LEU B 186 2.07 -10.36 -31.59
N ASN B 187 1.04 -10.81 -32.29
CA ASN B 187 1.15 -11.07 -33.71
C ASN B 187 1.16 -9.72 -34.43
N PRO B 188 2.28 -9.31 -35.04
CA PRO B 188 2.32 -7.98 -35.68
C PRO B 188 1.42 -7.85 -36.88
N LYS B 189 0.68 -8.90 -37.27
CA LYS B 189 -0.29 -8.81 -38.36
C LYS B 189 -1.64 -8.33 -37.81
N THR B 190 -2.29 -9.19 -37.03
CA THR B 190 -3.60 -8.85 -36.48
C THR B 190 -3.52 -7.83 -35.36
N GLY B 191 -2.34 -7.61 -34.79
CA GLY B 191 -2.24 -6.84 -33.57
C GLY B 191 -2.81 -7.51 -32.34
N LEU B 192 -3.37 -8.70 -32.50
CA LEU B 192 -3.90 -9.49 -31.40
C LEU B 192 -2.80 -10.34 -30.78
N ILE B 193 -3.15 -11.02 -29.69
CA ILE B 193 -2.22 -11.93 -29.04
C ILE B 193 -2.00 -13.14 -29.93
N ASP B 194 -0.73 -13.43 -30.22
CA ASP B 194 -0.38 -14.62 -31.01
C ASP B 194 -0.68 -15.85 -30.16
N TYR B 195 -1.97 -16.22 -30.13
CA TYR B 195 -2.43 -17.32 -29.28
C TYR B 195 -1.85 -18.67 -29.70
N ASN B 196 -1.21 -18.77 -30.87
CA ASN B 196 -0.59 -20.00 -31.32
C ASN B 196 0.91 -20.06 -30.99
N GLN B 197 1.63 -18.96 -31.17
CA GLN B 197 3.01 -18.90 -30.73
C GLN B 197 3.12 -19.10 -29.22
N LEU B 198 2.09 -18.69 -28.49
CA LEU B 198 2.05 -18.93 -27.04
C LEU B 198 2.00 -20.42 -26.73
N ALA B 199 1.00 -21.11 -27.29
CA ALA B 199 0.86 -22.55 -27.06
C ALA B 199 2.09 -23.32 -27.52
N LEU B 200 2.75 -22.82 -28.57
CA LEU B 200 3.98 -23.46 -29.05
C LEU B 200 5.08 -23.37 -28.01
N THR B 201 5.32 -22.17 -27.47
CA THR B 201 6.39 -21.97 -26.50
C THR B 201 6.01 -22.43 -25.10
N ALA B 202 4.72 -22.53 -24.79
CA ALA B 202 4.30 -22.93 -23.45
C ALA B 202 4.64 -24.38 -23.14
N ARG B 203 4.78 -25.23 -24.15
CA ARG B 203 5.25 -26.59 -23.93
C ARG B 203 6.77 -26.71 -23.96
N LEU B 204 7.45 -25.75 -24.58
CA LEU B 204 8.91 -25.70 -24.52
C LEU B 204 9.39 -25.03 -23.23
N PHE B 205 8.66 -24.03 -22.75
CA PHE B 205 9.03 -23.31 -21.53
C PHE B 205 8.54 -24.00 -20.27
N ARG B 206 7.39 -24.67 -20.33
CA ARG B 206 6.79 -25.34 -19.19
C ARG B 206 6.62 -24.40 -17.99
N PRO B 207 5.81 -23.35 -18.10
CA PRO B 207 5.62 -22.44 -16.98
C PRO B 207 4.68 -23.03 -15.94
N ARG B 208 4.80 -22.52 -14.72
CA ARG B 208 3.88 -22.88 -13.66
C ARG B 208 2.66 -21.97 -13.61
N LEU B 209 2.72 -20.80 -14.25
CA LEU B 209 1.62 -19.85 -14.27
C LEU B 209 1.73 -18.99 -15.52
N ILE B 210 0.58 -18.66 -16.10
CA ILE B 210 0.50 -17.76 -17.24
C ILE B 210 -0.49 -16.65 -16.91
N ILE B 211 -0.12 -15.41 -17.21
CA ILE B 211 -0.92 -14.24 -16.87
C ILE B 211 -1.71 -13.82 -18.11
N ALA B 212 -3.03 -13.82 -17.97
CA ALA B 212 -3.93 -13.33 -19.03
C ALA B 212 -4.44 -11.96 -18.61
N GLY B 213 -3.70 -10.93 -18.98
CA GLY B 213 -4.09 -9.56 -18.67
C GLY B 213 -3.24 -8.59 -19.47
N THR B 214 -3.72 -7.35 -19.54
CA THR B 214 -3.11 -6.36 -20.41
C THR B 214 -3.14 -4.98 -19.77
N SER B 215 -2.28 -4.10 -20.28
CA SER B 215 -2.29 -2.69 -19.94
C SER B 215 -2.50 -1.79 -21.15
N ALA B 216 -2.36 -2.31 -22.37
CA ALA B 216 -2.56 -1.54 -23.60
C ALA B 216 -2.95 -2.53 -24.69
N TYR B 217 -4.25 -2.81 -24.79
CA TYR B 217 -4.76 -3.83 -25.69
C TYR B 217 -6.24 -3.56 -25.90
N ALA B 218 -6.61 -3.20 -27.13
CA ALA B 218 -7.99 -2.79 -27.41
C ALA B 218 -8.93 -4.00 -27.52
N ARG B 219 -8.45 -5.11 -28.07
CA ARG B 219 -9.28 -6.29 -28.21
C ARG B 219 -9.47 -6.95 -26.84
N LEU B 220 -10.26 -8.02 -26.84
CA LEU B 220 -10.58 -8.75 -25.61
C LEU B 220 -9.80 -10.05 -25.58
N ILE B 221 -9.36 -10.43 -24.38
CA ILE B 221 -8.53 -11.62 -24.23
C ILE B 221 -9.36 -12.87 -24.52
N ASP B 222 -8.83 -13.73 -25.38
CA ASP B 222 -9.43 -15.04 -25.62
C ASP B 222 -9.04 -15.94 -24.45
N TYR B 223 -9.77 -15.78 -23.36
CA TYR B 223 -9.51 -16.58 -22.16
C TYR B 223 -9.71 -18.07 -22.42
N ALA B 224 -10.44 -18.44 -23.48
CA ALA B 224 -10.60 -19.84 -23.82
C ALA B 224 -9.28 -20.45 -24.30
N ARG B 225 -8.56 -19.72 -25.16
CA ARG B 225 -7.25 -20.18 -25.59
C ARG B 225 -6.28 -20.21 -24.41
N MET B 226 -6.31 -19.18 -23.56
CA MET B 226 -5.36 -19.10 -22.45
C MET B 226 -5.55 -20.28 -21.50
N ARG B 227 -6.80 -20.68 -21.24
CA ARG B 227 -7.03 -21.82 -20.35
C ARG B 227 -6.64 -23.13 -21.01
N GLU B 228 -6.93 -23.28 -22.31
CA GLU B 228 -6.54 -24.50 -23.02
C GLU B 228 -5.03 -24.64 -23.06
N VAL B 229 -4.31 -23.54 -23.27
CA VAL B 229 -2.85 -23.58 -23.22
C VAL B 229 -2.38 -23.92 -21.81
N CYS B 230 -3.03 -23.34 -20.80
CA CYS B 230 -2.63 -23.58 -19.42
C CYS B 230 -2.95 -25.01 -19.00
N ASP B 231 -4.17 -25.47 -19.26
CA ASP B 231 -4.57 -26.82 -18.87
C ASP B 231 -3.74 -27.89 -19.56
N GLU B 232 -3.13 -27.57 -20.71
CA GLU B 232 -2.32 -28.54 -21.43
C GLU B 232 -0.92 -28.65 -20.85
N VAL B 233 -0.22 -27.52 -20.73
CA VAL B 233 1.14 -27.51 -20.20
C VAL B 233 1.10 -27.55 -18.67
N LYS B 234 -0.11 -27.71 -18.12
CA LYS B 234 -0.33 -27.82 -16.69
C LYS B 234 0.26 -26.62 -15.95
N ALA B 235 -0.26 -25.44 -16.30
CA ALA B 235 0.10 -24.19 -15.68
C ALA B 235 -1.13 -23.53 -15.06
N HIS B 236 -0.88 -22.56 -14.19
CA HIS B 236 -1.95 -21.81 -13.56
C HIS B 236 -2.37 -20.65 -14.46
N LEU B 237 -3.67 -20.46 -14.59
CA LEU B 237 -4.22 -19.36 -15.38
C LEU B 237 -4.54 -18.20 -14.43
N LEU B 238 -3.80 -17.11 -14.56
CA LEU B 238 -4.00 -15.90 -13.76
C LEU B 238 -4.54 -14.80 -14.66
N ALA B 239 -5.71 -14.26 -14.30
CA ALA B 239 -6.32 -13.17 -15.04
C ALA B 239 -6.07 -11.86 -14.32
N ASP B 240 -5.34 -10.95 -14.97
CA ASP B 240 -5.04 -9.63 -14.44
C ASP B 240 -5.97 -8.64 -15.14
N MET B 241 -7.15 -8.44 -14.55
CA MET B 241 -8.22 -7.65 -15.15
C MET B 241 -8.27 -6.23 -14.60
N ALA B 242 -7.12 -5.65 -14.23
CA ALA B 242 -7.14 -4.35 -13.58
C ALA B 242 -7.72 -3.27 -14.50
N HIS B 243 -7.30 -3.27 -15.77
CA HIS B 243 -7.78 -2.25 -16.70
C HIS B 243 -9.26 -2.43 -17.02
N ILE B 244 -9.77 -3.66 -17.00
CA ILE B 244 -11.11 -3.95 -17.47
C ILE B 244 -12.03 -4.41 -16.33
N SER B 245 -11.62 -4.18 -15.08
CA SER B 245 -12.40 -4.68 -13.95
C SER B 245 -13.80 -4.05 -13.91
N GLY B 246 -13.89 -2.75 -14.17
CA GLY B 246 -15.19 -2.12 -14.22
C GLY B 246 -16.08 -2.70 -15.31
N LEU B 247 -15.51 -2.88 -16.51
CA LEU B 247 -16.27 -3.46 -17.61
C LEU B 247 -16.69 -4.89 -17.29
N VAL B 248 -15.81 -5.66 -16.64
CA VAL B 248 -16.17 -7.03 -16.26
C VAL B 248 -17.25 -7.03 -15.21
N ALA B 249 -17.23 -6.05 -14.30
CA ALA B 249 -18.25 -5.99 -13.25
C ALA B 249 -19.62 -5.66 -13.82
N ALA B 250 -19.68 -4.75 -14.80
CA ALA B 250 -20.93 -4.35 -15.41
C ALA B 250 -21.46 -5.37 -16.41
N LYS B 251 -20.77 -6.50 -16.59
CA LYS B 251 -21.21 -7.57 -17.47
C LYS B 251 -21.34 -7.09 -18.93
N VAL B 252 -20.45 -6.20 -19.34
CA VAL B 252 -20.42 -5.72 -20.72
C VAL B 252 -19.51 -6.60 -21.58
N ILE B 253 -18.31 -6.87 -21.10
CA ILE B 253 -17.36 -7.73 -21.82
C ILE B 253 -17.37 -9.10 -21.13
N PRO B 254 -16.90 -10.16 -21.79
CA PRO B 254 -16.87 -11.47 -21.13
C PRO B 254 -16.03 -11.45 -19.88
N SER B 255 -16.52 -12.10 -18.84
CA SER B 255 -15.83 -12.14 -17.56
C SER B 255 -14.82 -13.28 -17.55
N PRO B 256 -13.55 -13.01 -17.22
CA PRO B 256 -12.55 -14.09 -17.17
C PRO B 256 -12.72 -15.05 -16.00
N PHE B 257 -13.72 -14.85 -15.14
CA PHE B 257 -13.93 -15.71 -13.99
C PHE B 257 -14.43 -17.10 -14.37
N LYS B 258 -14.74 -17.34 -15.64
CA LYS B 258 -15.16 -18.67 -16.08
C LYS B 258 -13.99 -19.58 -16.42
N HIS B 259 -12.80 -19.02 -16.59
CA HIS B 259 -11.62 -19.78 -17.00
C HIS B 259 -10.47 -19.68 -16.02
N ALA B 260 -10.26 -18.53 -15.40
CA ALA B 260 -9.09 -18.32 -14.55
C ALA B 260 -9.32 -18.89 -13.16
N ASP B 261 -8.28 -19.53 -12.63
CA ASP B 261 -8.30 -19.97 -11.24
C ASP B 261 -8.02 -18.81 -10.30
N ILE B 262 -7.12 -17.91 -10.70
CA ILE B 262 -6.76 -16.74 -9.92
C ILE B 262 -7.04 -15.50 -10.75
N VAL B 263 -7.76 -14.55 -10.16
CA VAL B 263 -8.07 -13.27 -10.80
C VAL B 263 -7.58 -12.17 -9.88
N THR B 264 -6.72 -11.30 -10.40
CA THR B 264 -6.21 -10.15 -9.66
C THR B 264 -6.59 -8.87 -10.39
N THR B 265 -6.81 -7.82 -9.61
CA THR B 265 -7.19 -6.54 -10.20
C THR B 265 -6.85 -5.43 -9.21
N THR B 266 -6.69 -4.23 -9.77
CA THR B 266 -6.70 -3.03 -8.97
C THR B 266 -8.13 -2.66 -8.61
N THR B 267 -8.27 -1.64 -7.78
CA THR B 267 -9.58 -1.11 -7.45
C THR B 267 -9.84 0.25 -8.09
N HIS B 268 -8.84 0.85 -8.72
CA HIS B 268 -9.05 2.05 -9.52
C HIS B 268 -9.21 1.65 -10.99
N LYS B 269 -8.42 2.28 -11.87
CA LYS B 269 -8.58 2.10 -13.33
C LYS B 269 -10.05 2.36 -13.72
N THR B 270 -10.79 1.33 -14.11
CA THR B 270 -12.19 1.51 -14.51
C THR B 270 -13.17 1.25 -13.36
N LEU B 271 -12.70 0.60 -12.30
CA LEU B 271 -13.58 0.36 -11.16
C LEU B 271 -13.87 1.63 -10.37
N ARG B 272 -13.13 2.72 -10.62
CA ARG B 272 -13.43 4.04 -10.07
C ARG B 272 -13.40 4.02 -8.54
N GLY B 273 -12.41 3.36 -7.98
CA GLY B 273 -12.29 3.29 -6.53
C GLY B 273 -10.97 3.82 -6.03
N ALA B 274 -10.72 3.67 -4.73
CA ALA B 274 -9.44 4.08 -4.17
C ALA B 274 -8.35 3.13 -4.64
N ARG B 275 -7.11 3.63 -4.60
CA ARG B 275 -5.97 2.82 -5.04
C ARG B 275 -5.74 1.68 -4.06
N SER B 276 -5.96 0.46 -4.53
CA SER B 276 -5.79 -0.75 -3.73
C SER B 276 -5.75 -1.93 -4.70
N GLY B 277 -5.81 -3.14 -4.16
CA GLY B 277 -5.80 -4.32 -5.00
C GLY B 277 -6.66 -5.43 -4.42
N LEU B 278 -6.90 -6.45 -5.24
CA LEU B 278 -7.71 -7.59 -4.86
C LEU B 278 -7.13 -8.84 -5.49
N ILE B 279 -7.38 -9.99 -4.85
CA ILE B 279 -6.98 -11.28 -5.38
C ILE B 279 -8.18 -12.22 -5.27
N PHE B 280 -8.75 -12.58 -6.41
CA PHE B 280 -9.81 -13.58 -6.47
C PHE B 280 -9.22 -14.94 -6.76
N TYR B 281 -9.69 -15.96 -6.04
CA TYR B 281 -9.16 -17.30 -6.18
C TYR B 281 -10.29 -18.32 -6.13
N ARG B 282 -10.08 -19.42 -6.84
CA ARG B 282 -11.03 -20.53 -6.78
C ARG B 282 -11.02 -21.17 -5.40
N LYS B 283 -12.19 -21.68 -5.00
CA LYS B 283 -12.37 -22.25 -3.68
C LYS B 283 -13.33 -23.43 -3.78
N GLY B 284 -13.13 -24.42 -2.92
CA GLY B 284 -14.03 -25.55 -2.84
C GLY B 284 -13.43 -26.84 -3.37
N VAL B 285 -14.05 -27.41 -4.40
CA VAL B 285 -13.60 -28.65 -5.01
C VAL B 285 -13.40 -28.41 -6.50
N LYS B 286 -12.18 -28.64 -6.98
CA LYS B 286 -11.91 -28.51 -8.40
C LYS B 286 -12.49 -29.69 -9.17
N LYS B 291 -9.78 -40.16 -9.10
CA LYS B 291 -10.23 -41.49 -9.48
C LYS B 291 -10.52 -42.39 -8.29
N THR B 292 -10.19 -41.94 -7.08
CA THR B 292 -10.56 -42.64 -5.85
C THR B 292 -12.02 -42.42 -5.48
N GLY B 293 -12.65 -41.40 -6.04
CA GLY B 293 -13.96 -40.96 -5.60
C GLY B 293 -13.92 -39.88 -4.55
N ARG B 294 -12.74 -39.48 -4.09
CA ARG B 294 -12.60 -38.40 -3.13
C ARG B 294 -12.38 -37.09 -3.85
N GLU B 295 -13.01 -36.03 -3.34
CA GLU B 295 -12.93 -34.73 -3.98
C GLU B 295 -11.51 -34.17 -3.87
N ILE B 296 -10.97 -33.71 -4.99
CA ILE B 296 -9.67 -33.05 -5.04
C ILE B 296 -9.91 -31.56 -4.82
N PRO B 297 -9.55 -31.00 -3.68
CA PRO B 297 -9.93 -29.62 -3.36
C PRO B 297 -8.98 -28.58 -3.95
N TYR B 298 -9.53 -27.39 -4.15
CA TYR B 298 -8.71 -26.24 -4.49
C TYR B 298 -7.82 -25.86 -3.31
N THR B 299 -6.56 -25.58 -3.60
CA THR B 299 -5.56 -25.27 -2.58
C THR B 299 -5.03 -23.85 -2.74
N PHE B 300 -5.90 -22.92 -3.11
CA PHE B 300 -5.49 -21.54 -3.36
C PHE B 300 -5.66 -20.65 -2.14
N GLU B 301 -6.73 -20.86 -1.37
CA GLU B 301 -7.12 -19.89 -0.34
C GLU B 301 -6.01 -19.71 0.70
N ASP B 302 -5.61 -20.81 1.35
CA ASP B 302 -4.64 -20.70 2.44
C ASP B 302 -3.30 -20.14 1.95
N ARG B 303 -2.88 -20.54 0.76
CA ARG B 303 -1.61 -20.04 0.24
C ARG B 303 -1.70 -18.58 -0.17
N ILE B 304 -2.78 -18.19 -0.84
CA ILE B 304 -2.94 -16.80 -1.26
C ILE B 304 -3.01 -15.88 -0.05
N ASN B 305 -3.78 -16.27 0.97
CA ASN B 305 -3.89 -15.44 2.17
C ASN B 305 -2.57 -15.37 2.93
N PHE B 306 -1.83 -16.49 3.00
CA PHE B 306 -0.57 -16.48 3.73
C PHE B 306 0.49 -15.66 3.02
N ALA B 307 0.49 -15.64 1.69
CA ALA B 307 1.47 -14.85 0.96
C ALA B 307 1.23 -13.34 1.16
N VAL B 308 -0.03 -12.94 1.32
CA VAL B 308 -0.31 -11.53 1.57
C VAL B 308 0.10 -11.14 2.98
N PHE B 309 -0.26 -11.97 3.97
CA PHE B 309 0.17 -11.78 5.33
C PHE B 309 0.31 -13.18 5.93
N PRO B 310 1.39 -13.46 6.66
CA PRO B 310 2.46 -12.53 7.05
C PRO B 310 3.68 -12.48 6.14
N SER B 311 3.55 -13.00 4.92
CA SER B 311 4.73 -13.13 4.06
C SER B 311 5.19 -11.77 3.52
N LEU B 312 4.30 -11.04 2.87
CA LEU B 312 4.69 -9.85 2.11
C LEU B 312 4.30 -8.53 2.77
N GLN B 313 3.11 -8.43 3.34
CA GLN B 313 2.60 -7.17 3.85
C GLN B 313 2.47 -7.20 5.36
N GLY B 314 2.33 -6.02 5.94
CA GLY B 314 2.13 -5.88 7.37
C GLY B 314 0.69 -5.55 7.70
N GLY B 315 0.47 -4.40 8.34
CA GLY B 315 -0.85 -3.96 8.68
C GLY B 315 -1.67 -3.58 7.47
N PRO B 316 -2.89 -4.09 7.36
CA PRO B 316 -3.76 -3.71 6.25
C PRO B 316 -4.10 -2.23 6.30
N HIS B 317 -4.39 -1.67 5.12
CA HIS B 317 -4.85 -0.28 5.02
C HIS B 317 -6.37 -0.32 5.07
N ASN B 318 -6.91 -0.27 6.30
CA ASN B 318 -8.35 -0.43 6.48
C ASN B 318 -9.14 0.73 5.87
N HIS B 319 -8.54 1.92 5.81
CA HIS B 319 -9.20 3.04 5.16
C HIS B 319 -9.37 2.77 3.66
N ALA B 320 -8.32 2.26 3.01
CA ALA B 320 -8.44 1.87 1.61
C ALA B 320 -9.38 0.69 1.44
N ILE B 321 -9.42 -0.21 2.43
CA ILE B 321 -10.31 -1.36 2.34
C ILE B 321 -11.77 -0.91 2.34
N ALA B 322 -12.11 0.02 3.24
CA ALA B 322 -13.49 0.51 3.30
C ALA B 322 -13.84 1.33 2.06
N ALA B 323 -12.91 2.15 1.58
CA ALA B 323 -13.15 2.92 0.37
C ALA B 323 -13.41 2.00 -0.82
N VAL B 324 -12.71 0.87 -0.86
CA VAL B 324 -12.93 -0.11 -1.93
C VAL B 324 -14.34 -0.70 -1.82
N ALA B 325 -14.76 -1.06 -0.60
CA ALA B 325 -16.10 -1.58 -0.41
C ALA B 325 -17.16 -0.57 -0.82
N VAL B 326 -16.88 0.73 -0.66
CA VAL B 326 -17.81 1.76 -1.10
C VAL B 326 -17.93 1.74 -2.62
N ALA B 327 -16.80 1.77 -3.33
CA ALA B 327 -16.83 1.76 -4.78
C ALA B 327 -17.29 0.42 -5.33
N LEU B 328 -17.09 -0.67 -4.58
CA LEU B 328 -17.58 -1.97 -5.02
C LEU B 328 -19.11 -2.02 -4.99
N LYS B 329 -19.71 -1.45 -3.94
CA LYS B 329 -21.17 -1.35 -3.89
C LYS B 329 -21.71 -0.52 -5.05
N GLN B 330 -20.98 0.53 -5.43
CA GLN B 330 -21.40 1.36 -6.55
C GLN B 330 -21.35 0.59 -7.86
N ALA B 331 -20.50 -0.44 -7.93
CA ALA B 331 -20.39 -1.22 -9.16
C ALA B 331 -21.56 -2.18 -9.34
N CYS B 332 -22.21 -2.58 -8.25
CA CYS B 332 -23.38 -3.46 -8.33
C CYS B 332 -24.62 -2.72 -8.82
N THR B 333 -24.61 -1.40 -8.85
CA THR B 333 -25.79 -0.61 -9.17
C THR B 333 -26.03 -0.58 -10.67
N PRO B 334 -27.28 -0.37 -11.09
CA PRO B 334 -27.56 -0.19 -12.53
C PRO B 334 -26.87 1.04 -13.11
N MET B 335 -26.56 2.03 -12.27
CA MET B 335 -25.85 3.20 -12.75
C MET B 335 -24.48 2.85 -13.31
N PHE B 336 -23.75 1.96 -12.62
CA PHE B 336 -22.41 1.62 -13.06
C PHE B 336 -22.43 0.87 -14.39
N ARG B 337 -23.44 0.03 -14.60
CA ARG B 337 -23.59 -0.62 -15.91
C ARG B 337 -23.86 0.40 -16.99
N GLU B 338 -24.79 1.33 -16.73
CA GLU B 338 -25.02 2.42 -17.66
C GLU B 338 -23.76 3.26 -17.85
N TYR B 339 -22.97 3.43 -16.78
CA TYR B 339 -21.70 4.14 -16.91
C TYR B 339 -20.74 3.36 -17.81
N SER B 340 -20.54 2.06 -17.52
CA SER B 340 -19.58 1.25 -18.25
C SER B 340 -20.00 1.07 -19.70
N LEU B 341 -21.28 0.78 -19.95
CA LEU B 341 -21.77 0.73 -21.33
C LEU B 341 -21.50 2.03 -22.05
N GLN B 342 -21.52 3.16 -21.34
CA GLN B 342 -21.13 4.42 -21.95
C GLN B 342 -19.63 4.49 -22.23
N VAL B 343 -18.80 3.82 -21.41
CA VAL B 343 -17.36 3.84 -21.65
C VAL B 343 -17.03 3.17 -22.97
N LEU B 344 -17.62 2.00 -23.22
CA LEU B 344 -17.33 1.30 -24.46
C LEU B 344 -17.88 2.05 -25.66
N LYS B 345 -19.07 2.65 -25.52
CA LYS B 345 -19.58 3.52 -26.56
C LYS B 345 -18.66 4.72 -26.75
N ASN B 346 -18.19 5.31 -25.64
CA ASN B 346 -17.25 6.42 -25.75
C ASN B 346 -15.93 5.97 -26.36
N ALA B 347 -15.50 4.74 -26.06
CA ALA B 347 -14.29 4.22 -26.68
C ALA B 347 -14.53 3.84 -28.14
N ARG B 348 -15.68 3.23 -28.43
CA ARG B 348 -15.99 2.88 -29.81
C ARG B 348 -16.25 4.12 -30.66
N ALA B 349 -16.98 5.09 -30.11
CA ALA B 349 -17.21 6.33 -30.85
C ALA B 349 -15.92 7.13 -31.00
N MET B 350 -15.04 7.09 -30.00
CA MET B 350 -13.72 7.70 -30.18
C MET B 350 -12.92 6.96 -31.25
N ALA B 351 -12.94 5.63 -31.21
CA ALA B 351 -12.22 4.84 -32.20
C ALA B 351 -12.65 5.19 -33.62
N ASP B 352 -13.96 5.17 -33.88
CA ASP B 352 -14.45 5.51 -35.21
C ASP B 352 -14.16 6.97 -35.56
N ALA B 353 -14.31 7.87 -34.58
CA ALA B 353 -13.98 9.27 -34.83
C ALA B 353 -12.51 9.46 -35.17
N LEU B 354 -11.63 8.66 -34.54
CA LEU B 354 -10.25 8.59 -35.02
C LEU B 354 -10.19 8.01 -36.42
N LEU B 355 -10.91 6.91 -36.65
CA LEU B 355 -10.85 6.24 -37.95
C LEU B 355 -11.31 7.15 -39.09
N GLU B 356 -12.47 7.80 -38.92
CA GLU B 356 -13.05 8.65 -39.96
C GLU B 356 -12.27 9.95 -40.18
N ARG B 357 -11.03 10.02 -39.69
CA ARG B 357 -10.11 11.11 -39.99
C ARG B 357 -8.83 10.61 -40.63
N GLY B 358 -8.65 9.29 -40.70
CA GLY B 358 -7.51 8.70 -41.35
C GLY B 358 -6.53 8.12 -40.34
N TYR B 359 -7.05 7.44 -39.33
CA TYR B 359 -6.24 6.85 -38.28
C TYR B 359 -6.37 5.34 -38.32
N SER B 360 -5.25 4.65 -38.22
CA SER B 360 -5.22 3.21 -38.11
C SER B 360 -5.25 2.82 -36.63
N LEU B 361 -6.02 1.78 -36.33
CA LEU B 361 -6.13 1.26 -34.97
C LEU B 361 -5.49 -0.12 -34.94
N VAL B 362 -4.54 -0.30 -34.03
CA VAL B 362 -4.00 -1.64 -33.79
C VAL B 362 -5.14 -2.56 -33.41
N SER B 363 -5.23 -3.70 -34.08
CA SER B 363 -6.31 -4.70 -34.04
C SER B 363 -7.54 -4.22 -34.81
N GLY B 364 -7.50 -3.04 -35.44
CA GLY B 364 -8.59 -2.60 -36.28
C GLY B 364 -9.76 -1.96 -35.57
N GLY B 365 -9.67 -1.76 -34.25
CA GLY B 365 -10.78 -1.20 -33.52
C GLY B 365 -10.58 -1.39 -32.03
N THR B 366 -11.68 -1.22 -31.28
CA THR B 366 -11.65 -1.35 -29.83
C THR B 366 -12.88 -2.11 -29.38
N ASP B 367 -12.69 -2.99 -28.39
CA ASP B 367 -13.82 -3.67 -27.74
C ASP B 367 -13.79 -3.52 -26.24
N ASN B 368 -12.97 -2.62 -25.70
CA ASN B 368 -12.94 -2.36 -24.27
C ASN B 368 -13.13 -0.88 -23.98
N HIS B 369 -12.18 -0.29 -23.25
CA HIS B 369 -12.29 1.09 -22.78
C HIS B 369 -11.23 2.01 -23.35
N LEU B 370 -10.29 1.51 -24.14
CA LEU B 370 -9.18 2.31 -24.62
C LEU B 370 -8.87 1.95 -26.07
N VAL B 371 -8.31 2.91 -26.80
CA VAL B 371 -8.01 2.76 -28.22
C VAL B 371 -6.50 2.74 -28.41
N LEU B 372 -6.01 1.76 -29.16
CA LEU B 372 -4.60 1.69 -29.54
C LEU B 372 -4.44 2.38 -30.88
N VAL B 373 -4.16 3.68 -30.84
CA VAL B 373 -4.02 4.43 -32.08
C VAL B 373 -2.64 4.15 -32.67
N ASP B 374 -2.63 3.69 -33.93
CA ASP B 374 -1.40 3.53 -34.70
C ASP B 374 -1.16 4.85 -35.42
N LEU B 375 -0.11 5.57 -35.01
CA LEU B 375 0.01 6.98 -35.35
C LEU B 375 0.96 7.25 -36.51
N ARG B 376 2.00 6.45 -36.71
CA ARG B 376 2.98 6.76 -37.74
C ARG B 376 2.49 6.52 -39.17
N PRO B 377 1.41 5.75 -39.41
CA PRO B 377 0.75 5.85 -40.72
C PRO B 377 0.29 7.26 -41.05
N LYS B 378 0.08 8.10 -40.04
CA LYS B 378 -0.25 9.50 -40.23
C LYS B 378 0.97 10.41 -40.26
N GLY B 379 2.15 9.89 -39.88
CA GLY B 379 3.38 10.64 -40.02
C GLY B 379 4.08 11.02 -38.73
N LEU B 380 3.58 10.60 -37.57
CA LEU B 380 4.25 10.90 -36.31
C LEU B 380 4.00 9.78 -35.31
N ASP B 381 4.77 9.82 -34.24
CA ASP B 381 4.93 8.75 -33.28
C ASP B 381 4.14 9.05 -32.00
N GLY B 382 4.48 8.36 -30.91
CA GLY B 382 3.82 8.54 -29.63
C GLY B 382 4.50 9.53 -28.70
N ALA B 383 5.82 9.39 -28.55
CA ALA B 383 6.55 10.27 -27.64
C ALA B 383 6.41 11.74 -28.06
N ARG B 384 6.14 11.99 -29.33
CA ARG B 384 5.97 13.35 -29.81
C ARG B 384 4.56 13.86 -29.55
N ALA B 385 3.55 13.04 -29.85
CA ALA B 385 2.16 13.47 -29.67
C ALA B 385 1.83 13.67 -28.19
N GLU B 386 2.37 12.83 -27.32
CA GLU B 386 1.96 12.85 -25.91
C GLU B 386 2.45 14.10 -25.19
N ARG B 387 3.57 14.68 -25.64
CA ARG B 387 4.05 15.90 -25.00
C ARG B 387 3.19 17.10 -25.37
N VAL B 388 2.93 17.28 -26.66
CA VAL B 388 2.13 18.42 -27.10
C VAL B 388 0.73 18.37 -26.51
N LEU B 389 0.12 17.19 -26.49
CA LEU B 389 -1.21 17.05 -25.89
C LEU B 389 -1.19 17.41 -24.42
N GLU B 390 -0.11 17.06 -23.72
CA GLU B 390 -0.01 17.38 -22.30
C GLU B 390 -0.01 18.89 -22.07
N LEU B 391 0.66 19.64 -22.96
CA LEU B 391 0.74 21.09 -22.82
C LEU B 391 -0.59 21.78 -23.09
N VAL B 392 -1.57 21.08 -23.66
CA VAL B 392 -2.90 21.64 -23.85
C VAL B 392 -3.89 20.88 -22.97
N SER B 393 -3.41 20.43 -21.81
CA SER B 393 -4.24 19.82 -20.77
C SER B 393 -4.95 18.57 -21.26
N ILE B 394 -4.28 17.81 -22.12
CA ILE B 394 -4.78 16.52 -22.60
C ILE B 394 -3.75 15.47 -22.25
N THR B 395 -4.13 14.55 -21.37
CA THR B 395 -3.20 13.57 -20.82
C THR B 395 -3.40 12.23 -21.49
N ALA B 396 -2.36 11.74 -22.15
CA ALA B 396 -2.31 10.40 -22.70
C ALA B 396 -0.88 9.88 -22.56
N ASN B 397 -0.68 8.61 -22.92
CA ASN B 397 0.63 8.01 -22.81
C ASN B 397 1.03 7.38 -24.13
N LYS B 398 2.29 7.57 -24.50
CA LYS B 398 2.85 6.87 -25.66
C LYS B 398 2.84 5.37 -25.39
N ASN B 399 2.51 4.59 -26.41
CA ASN B 399 2.52 3.13 -26.28
C ASN B 399 3.12 2.53 -27.54
N THR B 400 4.07 1.62 -27.34
CA THR B 400 4.70 0.94 -28.46
C THR B 400 3.68 0.15 -29.26
N CYS B 401 3.57 0.47 -30.52
CA CYS B 401 2.74 -0.28 -31.44
C CYS B 401 3.59 -1.25 -32.25
N PRO B 402 3.00 -2.35 -32.75
CA PRO B 402 3.76 -3.30 -33.57
C PRO B 402 4.55 -2.61 -34.67
N GLY B 403 5.84 -2.42 -34.42
CA GLY B 403 6.68 -1.68 -35.34
C GLY B 403 8.08 -1.56 -34.81
N ASP B 404 8.84 -0.69 -35.46
CA ASP B 404 10.26 -0.48 -35.13
C ASP B 404 10.42 0.20 -33.78
N THR B 409 11.60 4.76 -30.21
CA THR B 409 10.52 5.74 -30.18
C THR B 409 9.17 5.08 -30.46
N PRO B 410 8.25 5.15 -29.49
CA PRO B 410 6.97 4.44 -29.64
C PRO B 410 6.09 5.05 -30.71
N GLY B 411 5.29 4.21 -31.35
CA GLY B 411 4.49 4.63 -32.48
C GLY B 411 2.99 4.66 -32.26
N GLY B 412 2.54 5.36 -31.22
CA GLY B 412 1.12 5.48 -30.98
C GLY B 412 0.85 6.00 -29.58
N LEU B 413 -0.45 6.12 -29.29
CA LEU B 413 -0.93 6.60 -28.00
C LEU B 413 -1.94 5.60 -27.44
N ARG B 414 -2.14 5.69 -26.12
CA ARG B 414 -3.16 4.91 -25.42
C ARG B 414 -4.17 5.89 -24.85
N LEU B 415 -5.25 6.11 -25.59
CA LEU B 415 -6.29 7.05 -25.18
C LEU B 415 -7.35 6.32 -24.35
N GLY B 416 -7.75 6.94 -23.25
CA GLY B 416 -8.65 6.32 -22.30
C GLY B 416 -10.00 7.00 -22.16
N ALA B 417 -11.06 6.23 -22.31
CA ALA B 417 -12.43 6.70 -22.13
C ALA B 417 -12.85 6.84 -20.66
N PRO B 418 -12.57 5.87 -19.78
CA PRO B 418 -13.30 5.83 -18.49
C PRO B 418 -13.14 7.08 -17.64
N ALA B 419 -12.04 7.82 -17.78
CA ALA B 419 -11.85 9.01 -16.98
C ALA B 419 -12.90 10.07 -17.29
N LEU B 420 -12.95 10.52 -18.55
CA LEU B 420 -13.93 11.54 -18.91
C LEU B 420 -15.35 11.00 -18.90
N THR B 421 -15.52 9.69 -19.12
CA THR B 421 -16.85 9.10 -19.06
C THR B 421 -17.48 9.27 -17.67
N SER B 422 -16.66 9.24 -16.62
CA SER B 422 -17.16 9.48 -15.27
C SER B 422 -17.64 10.91 -15.09
N ARG B 423 -17.18 11.84 -15.93
CA ARG B 423 -17.71 13.20 -15.98
C ARG B 423 -18.97 13.29 -16.84
N GLN B 424 -19.64 12.15 -17.05
CA GLN B 424 -20.86 12.08 -17.87
C GLN B 424 -20.62 12.57 -19.30
N PHE B 425 -19.44 12.24 -19.84
CA PHE B 425 -19.18 12.49 -21.24
C PHE B 425 -20.05 11.58 -22.11
N ARG B 426 -20.29 12.03 -23.34
CA ARG B 426 -21.07 11.26 -24.30
C ARG B 426 -20.36 11.25 -25.64
N GLU B 427 -20.95 10.55 -26.62
CA GLU B 427 -20.29 10.33 -27.89
C GLU B 427 -19.94 11.66 -28.59
N ASP B 428 -20.86 12.62 -28.54
CA ASP B 428 -20.59 13.93 -29.14
C ASP B 428 -19.44 14.63 -28.42
N ASP B 429 -19.33 14.43 -27.10
CA ASP B 429 -18.27 15.08 -26.33
C ASP B 429 -16.91 14.51 -26.68
N PHE B 430 -16.81 13.18 -26.83
CA PHE B 430 -15.53 12.58 -27.20
C PHE B 430 -15.14 12.93 -28.62
N ARG B 431 -16.12 13.14 -29.51
CA ARG B 431 -15.80 13.55 -30.87
C ARG B 431 -15.15 14.92 -30.89
N ARG B 432 -15.57 15.82 -29.99
CA ARG B 432 -14.85 17.07 -29.83
C ARG B 432 -13.51 16.86 -29.15
N VAL B 433 -13.40 15.81 -28.33
CA VAL B 433 -12.11 15.48 -27.72
C VAL B 433 -11.14 15.00 -28.79
N VAL B 434 -11.58 14.08 -29.66
CA VAL B 434 -10.69 13.61 -30.72
C VAL B 434 -10.38 14.74 -31.69
N ASP B 435 -11.33 15.65 -31.94
CA ASP B 435 -11.04 16.80 -32.77
C ASP B 435 -10.06 17.75 -32.07
N PHE B 436 -10.05 17.75 -30.73
CA PHE B 436 -9.10 18.53 -29.97
C PHE B 436 -7.74 17.86 -29.91
N ILE B 437 -7.70 16.57 -29.53
CA ILE B 437 -6.51 15.76 -29.70
C ILE B 437 -5.89 15.99 -31.06
N ASP B 438 -6.72 15.98 -32.11
CA ASP B 438 -6.27 15.94 -33.49
C ASP B 438 -5.88 17.31 -34.04
N GLU B 439 -6.37 18.39 -33.45
CA GLU B 439 -5.72 19.67 -33.69
C GLU B 439 -4.33 19.67 -33.08
N GLY B 440 -4.13 18.91 -32.00
CA GLY B 440 -2.80 18.78 -31.43
C GLY B 440 -1.87 17.99 -32.32
N VAL B 441 -2.33 16.85 -32.84
CA VAL B 441 -1.49 16.04 -33.73
C VAL B 441 -1.19 16.80 -35.02
N ASN B 442 -2.13 17.64 -35.47
CA ASN B 442 -1.87 18.44 -36.67
C ASN B 442 -0.87 19.54 -36.39
N ILE B 443 -0.88 20.08 -35.17
CA ILE B 443 0.28 20.84 -34.73
C ILE B 443 1.50 19.92 -34.65
N GLY B 444 1.30 18.70 -34.10
CA GLY B 444 2.40 17.75 -33.96
C GLY B 444 3.13 17.48 -35.26
N LEU B 445 2.38 17.25 -36.35
CA LEU B 445 3.03 17.05 -37.65
C LEU B 445 3.72 18.32 -38.13
N GLU B 446 3.22 19.49 -37.73
CA GLU B 446 3.84 20.76 -38.08
C GLU B 446 4.96 21.16 -37.13
N VAL B 447 4.88 20.84 -35.84
CA VAL B 447 6.05 21.08 -35.00
C VAL B 447 7.21 20.19 -35.41
N THR B 451 11.34 20.00 -36.73
CA THR B 451 12.49 19.67 -35.90
C THR B 451 13.20 18.45 -36.51
N ALA B 452 13.94 17.73 -35.66
CA ALA B 452 14.59 16.46 -36.02
C ALA B 452 14.54 15.55 -34.80
N LYS B 453 15.23 15.94 -33.73
CA LYS B 453 15.28 15.13 -32.52
C LYS B 453 14.02 15.31 -31.68
N LEU B 454 14.01 14.69 -30.50
CA LEU B 454 12.89 14.84 -29.57
C LEU B 454 13.11 16.01 -28.61
N GLN B 455 14.36 16.31 -28.27
CA GLN B 455 14.64 17.49 -27.45
C GLN B 455 14.38 18.78 -28.21
N ASP B 456 14.64 18.78 -29.53
CA ASP B 456 14.25 19.93 -30.35
C ASP B 456 12.74 20.03 -30.45
N PHE B 457 12.08 18.92 -30.76
CA PHE B 457 10.62 18.83 -30.72
C PHE B 457 10.09 19.38 -29.40
N LYS B 458 10.74 19.04 -28.29
CA LYS B 458 10.31 19.52 -26.99
C LYS B 458 10.46 21.03 -26.89
N SER B 459 11.65 21.54 -27.19
CA SER B 459 11.92 22.97 -27.02
C SER B 459 11.10 23.80 -27.99
N PHE B 460 10.95 23.33 -29.24
CA PHE B 460 10.18 24.06 -30.24
C PHE B 460 8.72 24.25 -29.81
N LEU B 461 8.22 23.42 -28.91
CA LEU B 461 6.83 23.58 -28.45
C LEU B 461 6.67 24.87 -27.66
N LEU B 462 7.53 25.09 -26.65
CA LEU B 462 7.39 26.24 -25.77
C LEU B 462 8.28 27.41 -26.14
N LYS B 463 9.38 27.19 -26.86
CA LYS B 463 10.31 28.28 -27.15
C LYS B 463 9.93 29.04 -28.41
N ASP B 464 9.43 28.36 -29.44
CA ASP B 464 8.95 29.03 -30.63
C ASP B 464 7.82 29.98 -30.25
N SER B 465 8.10 31.29 -30.27
CA SER B 465 7.11 32.28 -29.82
C SER B 465 5.83 32.17 -30.63
N GLU B 466 5.93 32.12 -31.95
CA GLU B 466 4.73 32.04 -32.79
C GLU B 466 3.98 30.73 -32.55
N THR B 467 4.71 29.65 -32.30
CA THR B 467 4.06 28.40 -31.92
C THR B 467 3.59 28.42 -30.47
N SER B 468 4.29 29.16 -29.60
CA SER B 468 3.89 29.25 -28.20
C SER B 468 2.57 29.97 -28.02
N GLN B 469 2.16 30.81 -28.97
CA GLN B 469 0.88 31.48 -28.81
C GLN B 469 -0.28 30.63 -29.30
N ARG B 470 -0.06 29.77 -30.30
CA ARG B 470 -1.05 28.74 -30.61
C ARG B 470 -1.17 27.75 -29.47
N LEU B 471 -0.11 27.61 -28.66
CA LEU B 471 -0.18 26.76 -27.49
C LEU B 471 -1.30 27.21 -26.55
N ALA B 472 -1.23 28.46 -26.08
CA ALA B 472 -2.25 28.98 -25.19
C ALA B 472 -3.62 29.02 -25.88
N ASN B 473 -3.65 29.16 -27.20
CA ASN B 473 -4.91 29.14 -27.94
C ASN B 473 -5.63 27.82 -27.74
N LEU B 474 -5.00 26.72 -28.18
CA LEU B 474 -5.67 25.42 -28.15
C LEU B 474 -6.01 25.00 -26.72
N ARG B 475 -5.08 25.24 -25.79
CA ARG B 475 -5.31 24.83 -24.41
C ARG B 475 -6.48 25.58 -23.78
N GLN B 476 -6.57 26.89 -24.04
CA GLN B 476 -7.61 27.70 -23.43
C GLN B 476 -9.00 27.20 -23.80
N ARG B 477 -9.18 26.74 -25.04
CA ARG B 477 -10.47 26.21 -25.45
C ARG B 477 -10.67 24.77 -24.98
N VAL B 478 -9.59 24.01 -24.83
CA VAL B 478 -9.71 22.68 -24.22
C VAL B 478 -10.07 22.81 -22.74
N GLU B 479 -9.42 23.74 -22.04
CA GLU B 479 -9.76 23.97 -20.64
C GLU B 479 -11.18 24.54 -20.51
N GLN B 480 -11.55 25.46 -21.41
CA GLN B 480 -12.90 26.02 -21.38
C GLN B 480 -13.95 24.94 -21.63
N PHE B 481 -13.65 23.99 -22.51
CA PHE B 481 -14.59 22.92 -22.83
C PHE B 481 -14.66 21.87 -21.73
N ALA B 482 -13.54 21.61 -21.04
CA ALA B 482 -13.50 20.54 -20.05
C ALA B 482 -14.15 20.96 -18.74
N ARG B 483 -13.94 22.21 -18.31
CA ARG B 483 -14.42 22.65 -17.00
C ARG B 483 -15.93 22.53 -16.88
N ALA B 484 -16.66 22.66 -17.99
CA ALA B 484 -18.11 22.68 -17.94
C ALA B 484 -18.70 21.35 -17.47
N PHE B 485 -17.96 20.26 -17.57
CA PHE B 485 -18.47 18.96 -17.19
C PHE B 485 -18.33 18.75 -15.68
N PRO B 486 -19.20 17.94 -15.08
CA PRO B 486 -19.10 17.68 -13.64
C PRO B 486 -17.83 16.91 -13.31
N MET B 487 -17.51 16.89 -12.02
CA MET B 487 -16.31 16.20 -11.56
C MET B 487 -16.61 15.47 -10.25
N PRO B 488 -16.47 14.14 -10.22
CA PRO B 488 -16.72 13.41 -8.98
C PRO B 488 -15.73 13.80 -7.89
N GLY B 489 -16.14 13.55 -6.65
CA GLY B 489 -15.31 13.85 -5.50
C GLY B 489 -15.63 15.19 -4.88
N PHE B 490 -14.79 15.57 -3.92
CA PHE B 490 -14.92 16.86 -3.27
C PHE B 490 -14.80 18.00 -4.28
N ASP B 491 -15.40 19.14 -3.92
CA ASP B 491 -15.28 20.33 -4.77
C ASP B 491 -13.95 21.04 -4.56
N GLU B 492 -13.43 21.03 -3.33
CA GLU B 492 -12.25 21.81 -2.99
C GLU B 492 -10.94 21.05 -3.19
N HIS B 493 -10.95 19.74 -2.98
CA HIS B 493 -9.71 18.97 -3.00
C HIS B 493 -9.92 17.53 -3.47
#